data_7QZL
#
_entry.id   7QZL
#
_cell.length_a   56.691
_cell.length_b   84.310
_cell.length_c   284.130
_cell.angle_alpha   90.000
_cell.angle_beta   90.000
_cell.angle_gamma   90.000
#
_symmetry.space_group_name_H-M   'C 2 2 21'
#
loop_
_entity.id
_entity.type
_entity.pdbx_description
1 polymer 'Amine Dehydrogenase'
2 non-polymer 'NADP NICOTINAMIDE-ADENINE-DINUCLEOTIDE PHOSPHATE'
3 non-polymer 2-AMINO-2-HYDROXYMETHYL-PROPANE-1,3-DIOL
4 non-polymer AMYLAMINE
5 water water
#
_entity_poly.entity_id   1
_entity_poly.type   'polypeptide(L)'
_entity_poly.pdbx_seq_one_letter_code
;VPRGSSKRPIRIIQWGCGLMGQTLIRTLREKGAELVGAIDHNAARRDRDAGEVAGLGQSLGVRIHPPDQADAVFREARAD
VCILCTRSIMSELAGALRVAARHGVNAITIGEEAFYPWTTSQALTEELDQLARANDCTLTGSGFQDVFAGNLITVLAGAT
HRIDRIVGLTQYNADDYGSALAQKHGVGLDPETFAARIGASNSPSYVWNSNEWLCAQLGWRVRDIRQQLLPTTHTGTLRS
ASLGREVPAGHATGMKAVVVTETHEGPVIETHCVGKLYAPGEVDLNEWTLRGEPDTTVTIRQPATPALTCATVLNRLPQL
LAAPPGFVTTDRFTPATYVSRLETEA
;
_entity_poly.pdbx_strand_id   D,A
#
# COMPACT_ATOMS: atom_id res chain seq x y z
N SER A 6 16.69 -22.90 -13.84
CA SER A 6 17.60 -22.49 -12.78
C SER A 6 16.85 -22.19 -11.48
N LYS A 7 15.60 -22.64 -11.36
CA LYS A 7 14.83 -22.41 -10.11
C LYS A 7 14.53 -23.75 -9.45
N ARG A 8 14.24 -23.70 -8.13
CA ARG A 8 13.82 -24.87 -7.36
C ARG A 8 12.88 -24.39 -6.26
N PRO A 9 12.07 -25.28 -5.68
CA PRO A 9 11.18 -24.87 -4.59
C PRO A 9 11.97 -24.31 -3.41
N ILE A 10 11.42 -23.28 -2.78
CA ILE A 10 11.92 -22.84 -1.45
C ILE A 10 11.67 -23.97 -0.44
N ARG A 11 12.69 -24.31 0.33
CA ARG A 11 12.65 -25.44 1.30
C ARG A 11 12.46 -24.83 2.71
N ILE A 12 11.38 -25.23 3.35
CA ILE A 12 10.92 -24.56 4.61
C ILE A 12 10.89 -25.56 5.75
N ILE A 13 11.40 -25.12 6.90
CA ILE A 13 11.15 -25.78 8.21
C ILE A 13 10.06 -24.98 8.91
N GLN A 14 8.97 -25.63 9.27
CA GLN A 14 7.91 -24.96 10.08
C GLN A 14 8.18 -25.23 11.56
N TRP A 15 8.42 -24.19 12.35
CA TRP A 15 8.69 -24.31 13.79
C TRP A 15 7.51 -23.67 14.52
N GLY A 16 6.71 -24.53 15.14
CA GLY A 16 5.39 -24.18 15.66
C GLY A 16 4.34 -24.65 14.71
N CYS A 17 3.68 -25.77 15.03
CA CYS A 17 2.72 -26.45 14.16
C CYS A 17 1.31 -26.37 14.77
N GLY A 18 0.98 -25.22 15.35
CA GLY A 18 -0.36 -24.97 15.88
C GLY A 18 -1.27 -24.33 14.85
N LEU A 19 -2.14 -23.41 15.27
CA LEU A 19 -3.19 -22.94 14.35
C LEU A 19 -2.55 -22.24 13.14
N MET A 20 -1.57 -21.35 13.32
CA MET A 20 -0.99 -20.65 12.16
C MET A 20 -0.03 -21.57 11.43
N GLY A 21 0.77 -22.35 12.15
CA GLY A 21 1.72 -23.27 11.47
C GLY A 21 1.00 -24.28 10.60
N GLN A 22 -0.15 -24.76 11.02
CA GLN A 22 -0.93 -25.74 10.21
C GLN A 22 -1.39 -25.05 8.91
N THR A 23 -1.88 -23.83 8.96
CA THR A 23 -2.29 -23.07 7.75
C THR A 23 -1.08 -22.90 6.84
N LEU A 24 0.10 -22.60 7.42
CA LEU A 24 1.31 -22.37 6.61
C LEU A 24 1.76 -23.67 5.95
N ILE A 25 1.75 -24.78 6.66
CA ILE A 25 2.16 -26.09 6.07
C ILE A 25 1.31 -26.33 4.82
N ARG A 26 0.00 -26.14 4.88
CA ARG A 26 -0.86 -26.36 3.69
C ARG A 26 -0.54 -25.34 2.61
N THR A 27 -0.53 -24.06 2.99
CA THR A 27 -0.49 -22.98 1.99
C THR A 27 0.90 -22.87 1.33
N LEU A 28 1.96 -23.17 2.07
CA LEU A 28 3.30 -23.03 1.45
C LEU A 28 3.39 -24.03 0.29
N ARG A 29 2.75 -25.18 0.45
CA ARG A 29 2.81 -26.20 -0.64
C ARG A 29 1.92 -25.78 -1.81
N GLU A 30 0.83 -25.09 -1.53
CA GLU A 30 -0.06 -24.57 -2.61
C GLU A 30 0.68 -23.59 -3.50
N LYS A 31 1.70 -22.92 -2.98
CA LYS A 31 2.49 -21.98 -3.79
C LYS A 31 3.80 -22.59 -4.28
N GLY A 32 3.99 -23.88 -4.11
CA GLY A 32 5.10 -24.60 -4.74
C GLY A 32 6.36 -24.65 -3.89
N ALA A 33 6.32 -24.22 -2.61
CA ALA A 33 7.41 -24.54 -1.67
C ALA A 33 7.30 -25.98 -1.18
N GLU A 34 8.36 -26.45 -0.52
CA GLU A 34 8.37 -27.80 0.08
C GLU A 34 8.68 -27.74 1.58
N LEU A 35 7.95 -28.55 2.32
CA LEU A 35 8.21 -28.68 3.78
C LEU A 35 9.33 -29.70 3.96
N VAL A 36 10.42 -29.30 4.59
CA VAL A 36 11.61 -30.19 4.79
C VAL A 36 11.88 -30.46 6.26
N GLY A 37 11.12 -29.83 7.18
CA GLY A 37 11.26 -30.14 8.59
C GLY A 37 10.10 -29.51 9.33
N ALA A 38 9.84 -29.98 10.53
CA ALA A 38 8.70 -29.52 11.35
C ALA A 38 9.05 -29.73 12.81
N ILE A 39 8.87 -28.66 13.61
CA ILE A 39 9.22 -28.70 15.05
C ILE A 39 8.01 -28.18 15.82
N ASP A 40 7.68 -28.85 16.91
CA ASP A 40 6.59 -28.45 17.84
C ASP A 40 6.81 -29.20 19.15
N HIS A 41 6.63 -28.52 20.28
CA HIS A 41 6.80 -29.20 21.59
C HIS A 41 5.48 -29.74 22.16
N ASN A 42 4.35 -29.56 21.52
CA ASN A 42 3.06 -30.01 22.10
C ASN A 42 2.97 -31.54 22.08
N ALA A 43 2.49 -32.13 23.17
CA ALA A 43 2.45 -33.61 23.31
C ALA A 43 1.52 -34.24 22.25
N ALA A 44 0.50 -33.53 21.80
CA ALA A 44 -0.46 -34.07 20.79
C ALA A 44 0.15 -33.98 19.39
N ARG A 45 1.29 -33.31 19.19
CA ARG A 45 1.84 -33.12 17.83
C ARG A 45 3.22 -33.73 17.65
N ARG A 46 4.08 -33.66 18.67
CA ARG A 46 5.38 -34.38 18.63
C ARG A 46 5.19 -35.79 18.08
N ASP A 47 6.04 -36.15 17.14
CA ASP A 47 6.19 -37.51 16.55
C ASP A 47 5.13 -37.78 15.46
N ARG A 48 4.14 -36.91 15.28
CA ARG A 48 3.13 -37.08 14.20
C ARG A 48 3.68 -36.54 12.89
N ASP A 49 3.13 -37.01 11.78
CA ASP A 49 3.44 -36.40 10.46
C ASP A 49 2.90 -34.98 10.39
N ALA A 50 3.70 -34.07 9.89
CA ALA A 50 3.33 -32.65 9.79
C ALA A 50 2.10 -32.46 8.87
N GLY A 51 2.04 -33.19 7.78
CA GLY A 51 0.87 -33.15 6.88
C GLY A 51 -0.41 -33.54 7.57
N GLU A 52 -0.37 -34.61 8.34
CA GLU A 52 -1.59 -35.09 9.03
C GLU A 52 -2.05 -34.01 10.04
N VAL A 53 -1.08 -33.44 10.76
CA VAL A 53 -1.37 -32.37 11.75
C VAL A 53 -1.97 -31.14 11.06
N ALA A 54 -1.52 -30.81 9.86
CA ALA A 54 -2.02 -29.66 9.07
C ALA A 54 -3.35 -29.95 8.39
N GLY A 55 -3.86 -31.17 8.46
CA GLY A 55 -5.16 -31.54 7.86
C GLY A 55 -5.07 -31.99 6.41
N LEU A 56 -3.88 -32.26 5.90
CA LEU A 56 -3.74 -32.86 4.57
C LEU A 56 -4.23 -34.29 4.61
N GLY A 57 -4.69 -34.78 3.47
CA GLY A 57 -5.16 -36.17 3.34
C GLY A 57 -4.07 -37.20 3.20
N GLN A 58 -2.89 -36.81 2.74
CA GLN A 58 -1.74 -37.68 2.42
C GLN A 58 -0.55 -37.29 3.31
N SER A 59 0.09 -38.26 3.97
CA SER A 59 1.29 -38.05 4.80
C SER A 59 2.38 -37.36 3.98
N LEU A 60 3.15 -36.42 4.55
CA LEU A 60 4.29 -35.81 3.87
C LEU A 60 5.60 -36.57 4.11
N GLY A 61 5.64 -37.47 5.09
CA GLY A 61 6.91 -38.08 5.52
C GLY A 61 7.83 -37.08 6.20
N VAL A 62 7.26 -36.09 6.89
CA VAL A 62 8.03 -35.11 7.69
C VAL A 62 7.55 -35.21 9.13
N ARG A 63 8.37 -35.83 9.98
CA ARG A 63 7.90 -36.12 11.36
C ARG A 63 8.10 -34.84 12.18
N ILE A 64 7.14 -34.48 12.98
CA ILE A 64 7.29 -33.33 13.92
C ILE A 64 8.27 -33.71 15.05
N HIS A 65 9.33 -32.93 15.19
CA HIS A 65 10.38 -33.10 16.24
C HIS A 65 10.14 -32.08 17.33
N PRO A 66 10.51 -32.45 18.57
CA PRO A 66 10.51 -31.49 19.68
C PRO A 66 11.67 -30.54 19.42
N PRO A 67 11.62 -29.31 19.95
CA PRO A 67 12.64 -28.31 19.67
C PRO A 67 14.04 -28.58 20.23
N ASP A 68 14.14 -29.42 21.25
CA ASP A 68 15.47 -29.80 21.75
C ASP A 68 16.29 -30.49 20.65
N GLN A 69 15.61 -31.11 19.69
CA GLN A 69 16.28 -31.83 18.56
C GLN A 69 16.32 -30.96 17.32
N ALA A 70 16.07 -29.67 17.45
CA ALA A 70 16.04 -28.78 16.26
C ALA A 70 17.37 -28.87 15.52
N ASP A 71 18.52 -28.91 16.20
CA ASP A 71 19.81 -28.94 15.47
CA ASP A 71 19.82 -28.92 15.46
C ASP A 71 19.83 -30.09 14.47
N ALA A 72 19.35 -31.26 14.88
CA ALA A 72 19.37 -32.45 13.98
C ALA A 72 18.43 -32.23 12.77
N VAL A 73 17.27 -31.64 12.99
CA VAL A 73 16.33 -31.33 11.88
C VAL A 73 17.04 -30.40 10.90
N PHE A 74 17.67 -29.33 11.37
CA PHE A 74 18.32 -28.30 10.53
C PHE A 74 19.51 -28.92 9.78
N ARG A 75 20.25 -29.80 10.47
CA ARG A 75 21.48 -30.38 9.89
C ARG A 75 21.15 -31.15 8.63
N GLU A 76 20.03 -31.87 8.59
CA GLU A 76 19.70 -32.78 7.47
C GLU A 76 18.73 -32.12 6.47
N ALA A 77 18.08 -31.00 6.78
CA ALA A 77 16.95 -30.48 5.96
C ALA A 77 17.37 -29.72 4.71
N ARG A 78 18.58 -29.15 4.61
CA ARG A 78 18.97 -28.30 3.50
C ARG A 78 17.89 -27.23 3.30
N ALA A 79 17.55 -26.53 4.37
CA ALA A 79 16.48 -25.54 4.34
C ALA A 79 16.99 -24.19 3.84
N ASP A 80 16.06 -23.46 3.19
CA ASP A 80 16.25 -22.05 2.81
C ASP A 80 15.70 -21.14 3.90
N VAL A 81 14.62 -21.58 4.53
CA VAL A 81 13.82 -20.72 5.45
C VAL A 81 13.28 -21.56 6.60
N CYS A 82 13.29 -20.96 7.79
CA CYS A 82 12.48 -21.43 8.92
C CYS A 82 11.38 -20.42 9.15
N ILE A 83 10.14 -20.89 9.18
CA ILE A 83 8.97 -20.03 9.56
C ILE A 83 8.68 -20.39 11.00
N LEU A 84 8.65 -19.37 11.87
CA LEU A 84 8.52 -19.57 13.34
C LEU A 84 7.18 -18.98 13.81
N CYS A 85 6.30 -19.85 14.27
CA CYS A 85 4.95 -19.50 14.74
C CYS A 85 4.71 -20.16 16.09
N THR A 86 5.20 -19.52 17.14
CA THR A 86 5.24 -20.09 18.50
C THR A 86 4.70 -19.11 19.52
N ARG A 87 5.49 -18.09 19.78
CA ARG A 87 5.24 -17.14 20.89
C ARG A 87 5.36 -15.72 20.35
N SER A 88 5.14 -14.74 21.25
CA SER A 88 4.95 -13.32 20.89
C SER A 88 6.14 -12.45 21.28
N ILE A 89 7.00 -12.88 22.19
CA ILE A 89 8.06 -12.04 22.79
C ILE A 89 9.45 -12.60 22.42
N MET A 90 10.38 -11.68 22.20
CA MET A 90 11.76 -11.99 21.73
C MET A 90 12.46 -13.00 22.67
N SER A 91 12.26 -12.90 24.00
CA SER A 91 12.90 -13.83 24.94
C SER A 91 12.44 -15.25 24.67
N GLU A 92 11.24 -15.47 24.14
CA GLU A 92 10.67 -16.80 23.87
C GLU A 92 10.93 -17.20 22.42
N LEU A 93 11.46 -16.33 21.60
CA LEU A 93 11.78 -16.62 20.16
C LEU A 93 13.26 -16.80 19.96
N ALA A 94 14.09 -16.21 20.81
CA ALA A 94 15.55 -16.15 20.55
C ALA A 94 16.15 -17.56 20.41
N GLY A 95 15.69 -18.54 21.16
CA GLY A 95 16.26 -19.89 21.06
C GLY A 95 16.16 -20.42 19.65
N ALA A 96 14.99 -20.32 19.07
CA ALA A 96 14.75 -20.86 17.71
C ALA A 96 15.52 -20.02 16.70
N LEU A 97 15.52 -18.70 16.83
CA LEU A 97 16.20 -17.81 15.88
C LEU A 97 17.70 -18.08 15.92
N ARG A 98 18.24 -18.41 17.10
CA ARG A 98 19.68 -18.76 17.25
C ARG A 98 19.98 -20.03 16.46
N VAL A 99 19.11 -21.02 16.55
CA VAL A 99 19.31 -22.29 15.79
C VAL A 99 19.36 -21.96 14.30
N ALA A 100 18.35 -21.24 13.82
CA ALA A 100 18.32 -20.96 12.36
C ALA A 100 19.58 -20.23 11.95
N ALA A 101 19.97 -19.20 12.69
CA ALA A 101 21.10 -18.35 12.30
C ALA A 101 22.38 -19.17 12.33
N ARG A 102 22.58 -20.04 13.30
CA ARG A 102 23.85 -20.81 13.34
C ARG A 102 23.92 -21.83 12.20
N HIS A 103 22.80 -22.21 11.60
CA HIS A 103 22.74 -23.11 10.42
C HIS A 103 22.72 -22.29 9.12
N GLY A 104 22.80 -20.96 9.17
CA GLY A 104 22.77 -20.12 7.97
C GLY A 104 21.44 -20.19 7.26
N VAL A 105 20.36 -20.44 8.01
CA VAL A 105 18.99 -20.56 7.47
C VAL A 105 18.25 -19.27 7.77
N ASN A 106 17.70 -18.65 6.74
CA ASN A 106 16.92 -17.42 6.92
C ASN A 106 15.70 -17.76 7.78
N ALA A 107 15.20 -16.80 8.53
CA ALA A 107 14.04 -17.08 9.39
C ALA A 107 13.09 -15.89 9.35
N ILE A 108 11.81 -16.21 9.35
CA ILE A 108 10.75 -15.19 9.44
C ILE A 108 9.79 -15.68 10.51
N THR A 109 9.47 -14.81 11.46
CA THR A 109 8.57 -15.19 12.55
C THR A 109 7.34 -14.27 12.55
N ILE A 110 6.19 -14.81 12.94
CA ILE A 110 5.00 -13.97 13.23
C ILE A 110 5.00 -13.52 14.68
N GLY A 111 5.98 -13.91 15.50
CA GLY A 111 6.01 -13.37 16.86
C GLY A 111 5.97 -11.85 16.81
N GLU A 112 5.03 -11.24 17.54
CA GLU A 112 4.66 -9.84 17.27
C GLU A 112 5.77 -8.87 17.66
N GLU A 113 6.52 -9.16 18.72
CA GLU A 113 7.59 -8.18 19.12
C GLU A 113 8.66 -8.15 18.04
N ALA A 114 8.86 -9.28 17.34
CA ALA A 114 9.93 -9.38 16.33
C ALA A 114 9.65 -8.50 15.10
N PHE A 115 8.45 -8.01 14.93
CA PHE A 115 8.09 -7.07 13.84
C PHE A 115 9.01 -5.86 13.91
N TYR A 116 9.30 -5.41 15.13
CA TYR A 116 10.24 -4.27 15.32
C TYR A 116 10.75 -4.28 16.76
N PRO A 117 11.77 -5.09 17.05
CA PRO A 117 12.17 -5.35 18.44
C PRO A 117 13.33 -4.48 18.95
N TRP A 118 13.76 -3.54 18.12
CA TRP A 118 15.04 -2.81 18.29
C TRP A 118 15.11 -2.06 19.61
N THR A 119 14.00 -1.54 20.13
CA THR A 119 14.01 -0.82 21.43
C THR A 119 13.38 -1.63 22.56
N THR A 120 12.44 -2.53 22.31
CA THR A 120 11.79 -3.31 23.41
C THR A 120 12.71 -4.46 23.84
N SER A 121 13.52 -5.01 22.93
CA SER A 121 14.47 -6.11 23.23
C SER A 121 15.79 -5.86 22.49
N GLN A 122 16.46 -4.76 22.83
CA GLN A 122 17.64 -4.29 22.07
C GLN A 122 18.75 -5.35 22.11
N ALA A 123 19.12 -5.81 23.30
CA ALA A 123 20.24 -6.77 23.48
C ALA A 123 20.02 -8.03 22.63
N LEU A 124 18.85 -8.66 22.74
CA LEU A 124 18.57 -9.91 21.98
C LEU A 124 18.62 -9.60 20.48
N THR A 125 18.02 -8.50 20.04
CA THR A 125 18.01 -8.17 18.59
C THR A 125 19.43 -8.00 18.08
N GLU A 126 20.25 -7.25 18.81
CA GLU A 126 21.66 -7.04 18.38
C GLU A 126 22.41 -8.37 18.36
N GLU A 127 22.19 -9.23 19.34
CA GLU A 127 22.89 -10.54 19.43
C GLU A 127 22.50 -11.32 18.17
N LEU A 128 21.20 -11.35 17.88
CA LEU A 128 20.75 -12.15 16.70
C LEU A 128 21.23 -11.54 15.40
N ASP A 129 21.25 -10.22 15.29
CA ASP A 129 21.75 -9.51 14.10
C ASP A 129 23.20 -9.91 13.85
N GLN A 130 24.03 -9.88 14.91
CA GLN A 130 25.47 -10.25 14.74
C GLN A 130 25.57 -11.71 14.30
N LEU A 131 24.81 -12.60 14.92
CA LEU A 131 24.84 -14.06 14.59
C LEU A 131 24.41 -14.28 13.13
N ALA A 132 23.31 -13.67 12.69
CA ALA A 132 22.81 -13.82 11.32
C ALA A 132 23.85 -13.26 10.32
N ARG A 133 24.44 -12.11 10.62
CA ARG A 133 25.52 -11.55 9.74
C ARG A 133 26.69 -12.53 9.64
N ALA A 134 27.10 -13.15 10.75
CA ALA A 134 28.27 -14.07 10.77
C ALA A 134 27.95 -15.32 9.93
N ASN A 135 26.66 -15.65 9.72
CA ASN A 135 26.24 -16.91 9.06
C ASN A 135 25.54 -16.63 7.70
N ASP A 136 25.59 -15.41 7.19
CA ASP A 136 25.10 -15.05 5.82
C ASP A 136 23.62 -15.40 5.68
N CYS A 137 22.79 -15.06 6.66
CA CYS A 137 21.33 -15.28 6.56
C CYS A 137 20.60 -14.10 7.19
N THR A 138 19.30 -14.02 6.93
CA THR A 138 18.45 -12.89 7.34
C THR A 138 17.37 -13.42 8.27
N LEU A 139 17.14 -12.70 9.36
CA LEU A 139 16.01 -12.93 10.31
C LEU A 139 15.09 -11.72 10.24
N THR A 140 13.77 -11.95 10.29
CA THR A 140 12.83 -10.84 10.28
C THR A 140 11.52 -11.24 10.97
N GLY A 141 10.71 -10.22 11.23
CA GLY A 141 9.34 -10.40 11.73
C GLY A 141 8.30 -9.94 10.73
N SER A 142 7.21 -10.70 10.60
CA SER A 142 6.11 -10.30 9.71
C SER A 142 4.81 -10.87 10.26
N GLY A 143 3.79 -10.89 9.42
CA GLY A 143 2.43 -11.29 9.79
C GLY A 143 1.47 -10.19 9.43
N PHE A 144 0.37 -10.11 10.16
CA PHE A 144 -0.72 -9.21 9.80
C PHE A 144 -0.28 -7.74 9.85
N GLN A 145 0.66 -7.47 10.73
CA GLN A 145 1.07 -6.04 10.93
C GLN A 145 1.71 -5.48 9.63
N ASP A 146 2.40 -6.31 8.89
CA ASP A 146 3.26 -5.93 7.76
C ASP A 146 2.48 -5.05 6.79
N VAL A 147 1.27 -5.45 6.39
CA VAL A 147 0.35 -4.60 5.62
C VAL A 147 -0.59 -3.84 6.55
N PHE A 148 -1.26 -4.55 7.45
CA PHE A 148 -2.50 -4.00 8.06
C PHE A 148 -2.21 -3.13 9.28
N ALA A 149 -0.96 -2.96 9.69
CA ALA A 149 -0.57 -1.91 10.66
C ALA A 149 0.73 -1.28 10.17
N GLY A 150 0.92 -1.34 8.84
CA GLY A 150 2.23 -1.11 8.23
C GLY A 150 2.11 -0.46 6.86
N ASN A 151 2.36 -1.24 5.81
CA ASN A 151 2.39 -0.68 4.44
C ASN A 151 1.05 -0.20 3.94
N LEU A 152 -0.09 -0.65 4.48
CA LEU A 152 -1.39 -0.06 4.10
C LEU A 152 -1.33 1.44 4.43
N ILE A 153 -0.78 1.77 5.60
CA ILE A 153 -0.69 3.18 6.04
C ILE A 153 0.37 3.91 5.22
N THR A 154 1.53 3.31 5.02
CA THR A 154 2.64 4.03 4.35
C THR A 154 2.31 4.20 2.87
N VAL A 155 1.55 3.30 2.24
CA VAL A 155 1.19 3.55 0.82
CA VAL A 155 1.11 3.50 0.81
C VAL A 155 0.23 4.74 0.73
N LEU A 156 -0.72 4.87 1.65
CA LEU A 156 -1.65 6.01 1.69
C LEU A 156 -0.87 7.29 2.05
N ALA A 157 0.12 7.18 2.90
CA ALA A 157 0.98 8.35 3.25
C ALA A 157 1.67 8.89 2.01
N GLY A 158 2.02 8.04 1.06
CA GLY A 158 2.60 8.47 -0.21
C GLY A 158 1.67 9.27 -1.09
N ALA A 159 0.38 9.37 -0.79
CA ALA A 159 -0.62 10.22 -1.46
C ALA A 159 -1.02 11.39 -0.55
N THR A 160 -0.27 11.64 0.52
CA THR A 160 -0.65 12.65 1.52
C THR A 160 0.31 13.84 1.46
N HIS A 161 -0.25 15.03 1.51
CA HIS A 161 0.56 16.27 1.53
C HIS A 161 1.19 16.53 2.90
N ARG A 162 0.39 16.55 3.97
CA ARG A 162 0.87 16.80 5.33
C ARG A 162 0.17 15.85 6.29
N ILE A 163 0.96 15.13 7.08
CA ILE A 163 0.46 14.23 8.14
C ILE A 163 0.60 14.92 9.50
N ASP A 164 -0.52 15.15 10.16
CA ASP A 164 -0.56 15.67 11.54
C ASP A 164 -0.70 14.50 12.54
N ARG A 165 -1.54 13.53 12.20
CA ARG A 165 -1.83 12.41 13.10
C ARG A 165 -2.20 11.20 12.25
N ILE A 166 -1.86 10.02 12.72
CA ILE A 166 -2.37 8.75 12.15
C ILE A 166 -3.12 8.08 13.30
N VAL A 167 -4.35 7.65 13.03
CA VAL A 167 -5.21 7.04 14.06
C VAL A 167 -5.65 5.67 13.51
N GLY A 168 -5.35 4.62 14.24
CA GLY A 168 -5.68 3.23 13.80
C GLY A 168 -6.50 2.42 14.77
N LEU A 169 -7.30 1.52 14.25
CA LEU A 169 -8.07 0.52 15.03
C LEU A 169 -7.85 -0.84 14.38
N THR A 170 -7.40 -1.82 15.15
CA THR A 170 -7.26 -3.22 14.71
C THR A 170 -7.95 -4.07 15.76
N GLN A 171 -8.87 -4.94 15.37
CA GLN A 171 -9.55 -5.86 16.29
C GLN A 171 -9.50 -7.26 15.68
N TYR A 172 -9.12 -8.24 16.48
CA TYR A 172 -9.02 -9.66 16.06
C TYR A 172 -9.62 -10.53 17.16
N ASN A 173 -9.99 -11.74 16.76
CA ASN A 173 -10.74 -12.71 17.58
C ASN A 173 -9.73 -13.59 18.29
N ALA A 174 -9.62 -13.46 19.61
CA ALA A 174 -8.64 -14.25 20.36
C ALA A 174 -8.82 -15.75 20.12
N ASP A 175 -10.03 -16.21 19.85
CA ASP A 175 -10.31 -17.66 19.65
C ASP A 175 -9.78 -18.17 18.30
N ASP A 176 -9.26 -17.30 17.41
CA ASP A 176 -8.64 -17.77 16.15
C ASP A 176 -7.21 -18.24 16.38
N TYR A 177 -6.62 -18.01 17.58
CA TYR A 177 -5.16 -18.13 17.80
C TYR A 177 -4.93 -18.96 19.06
N GLY A 178 -3.67 -19.32 19.25
CA GLY A 178 -3.30 -20.17 20.40
C GLY A 178 -3.16 -19.45 21.71
N SER A 179 -2.75 -20.19 22.75
CA SER A 179 -2.76 -19.70 24.16
C SER A 179 -1.91 -18.46 24.37
N ALA A 180 -0.77 -18.30 23.73
CA ALA A 180 0.13 -17.17 23.98
C ALA A 180 -0.63 -15.88 23.75
N LEU A 181 -1.51 -15.83 22.75
CA LEU A 181 -2.22 -14.59 22.43
C LEU A 181 -3.25 -14.31 23.52
N ALA A 182 -4.05 -15.31 23.89
CA ALA A 182 -5.10 -15.10 24.92
C ALA A 182 -4.41 -14.64 26.20
N GLN A 183 -3.27 -15.22 26.55
CA GLN A 183 -2.55 -14.86 27.80
C GLN A 183 -2.03 -13.44 27.72
N LYS A 184 -1.47 -12.99 26.58
CA LYS A 184 -0.96 -11.62 26.46
C LYS A 184 -2.10 -10.61 26.65
N HIS A 185 -3.34 -11.01 26.30
CA HIS A 185 -4.53 -10.12 26.32
C HIS A 185 -5.31 -10.27 27.64
N GLY A 186 -4.85 -11.09 28.58
CA GLY A 186 -5.56 -11.27 29.86
C GLY A 186 -6.96 -11.85 29.70
N VAL A 187 -7.15 -12.69 28.69
CA VAL A 187 -8.46 -13.40 28.55
C VAL A 187 -8.68 -14.24 29.79
N GLY A 188 -9.89 -14.15 30.35
CA GLY A 188 -10.25 -15.05 31.45
C GLY A 188 -9.65 -14.66 32.79
N LEU A 189 -9.36 -13.38 32.98
CA LEU A 189 -8.91 -12.85 34.27
C LEU A 189 -10.02 -12.01 34.85
N ASP A 190 -10.28 -12.12 36.16
CA ASP A 190 -11.15 -11.10 36.75
C ASP A 190 -10.47 -9.74 36.68
N PRO A 191 -11.21 -8.59 36.73
CA PRO A 191 -10.59 -7.29 36.52
C PRO A 191 -9.48 -6.90 37.50
N GLU A 192 -9.51 -7.41 38.73
CA GLU A 192 -8.45 -7.13 39.71
C GLU A 192 -7.21 -7.92 39.29
N THR A 193 -7.36 -9.18 38.95
CA THR A 193 -6.22 -9.97 38.42
C THR A 193 -5.68 -9.27 37.19
N PHE A 194 -6.55 -8.83 36.29
CA PHE A 194 -6.10 -8.17 35.06
C PHE A 194 -5.23 -6.97 35.36
N ALA A 195 -5.69 -6.12 36.28
CA ALA A 195 -4.93 -4.91 36.64
C ALA A 195 -3.58 -5.27 37.26
N ALA A 196 -3.53 -6.30 38.08
CA ALA A 196 -2.30 -6.68 38.82
C ALA A 196 -1.31 -7.34 37.87
N ARG A 197 -1.79 -8.16 36.95
CA ARG A 197 -0.93 -8.97 36.05
C ARG A 197 -0.62 -8.18 34.77
N ILE A 198 -1.65 -7.84 34.03
CA ILE A 198 -1.51 -7.27 32.65
C ILE A 198 -1.27 -5.77 32.75
N GLY A 199 -2.15 -5.06 33.45
CA GLY A 199 -2.09 -3.60 33.43
C GLY A 199 -0.82 -3.11 34.08
N ALA A 200 -0.45 -3.62 35.27
CA ALA A 200 0.75 -3.12 35.98
C ALA A 200 2.03 -3.42 35.20
N SER A 201 2.18 -4.58 34.60
CA SER A 201 3.43 -4.92 33.85
C SER A 201 3.51 -4.04 32.59
N ASN A 202 2.38 -3.76 31.96
CA ASN A 202 2.29 -2.87 30.77
C ASN A 202 3.30 -3.33 29.72
N SER A 203 3.34 -4.63 29.46
CA SER A 203 4.20 -5.20 28.41
C SER A 203 3.87 -4.54 27.08
N PRO A 204 4.85 -4.34 26.18
CA PRO A 204 4.54 -3.70 24.91
C PRO A 204 3.55 -4.52 24.09
N SER A 205 2.43 -3.89 23.76
CA SER A 205 1.40 -4.48 22.90
C SER A 205 1.91 -4.57 21.47
N TYR A 206 1.21 -5.31 20.63
CA TYR A 206 1.67 -5.52 19.25
C TYR A 206 1.86 -4.17 18.55
N VAL A 207 1.02 -3.16 18.84
CA VAL A 207 1.06 -1.85 18.13
C VAL A 207 2.03 -0.86 18.79
N TRP A 208 2.62 -1.21 19.92
CA TRP A 208 3.85 -0.53 20.39
C TRP A 208 4.92 -0.76 19.33
N ASN A 209 5.19 -2.02 19.04
CA ASN A 209 6.25 -2.36 18.05
C ASN A 209 5.79 -1.93 16.64
N SER A 210 4.55 -2.16 16.22
CA SER A 210 4.15 -1.78 14.84
C SER A 210 4.17 -0.27 14.65
N ASN A 211 3.87 0.53 15.68
CA ASN A 211 3.97 1.98 15.52
C ASN A 211 5.43 2.42 15.41
N GLU A 212 6.34 1.72 16.08
CA GLU A 212 7.78 2.01 15.88
C GLU A 212 8.13 1.70 14.43
N TRP A 213 7.65 0.58 13.90
CA TRP A 213 7.95 0.21 12.49
C TRP A 213 7.44 1.31 11.56
N LEU A 214 6.26 1.85 11.78
CA LEU A 214 5.69 2.93 10.92
C LEU A 214 6.63 4.11 10.98
N CYS A 215 7.04 4.50 12.19
CA CYS A 215 7.91 5.67 12.31
C CYS A 215 9.21 5.40 11.51
N ALA A 216 9.79 4.23 11.63
CA ALA A 216 11.05 3.90 10.95
C ALA A 216 10.85 4.05 9.43
N GLN A 217 9.75 3.51 8.92
CA GLN A 217 9.56 3.54 7.46
C GLN A 217 9.31 4.96 6.98
N LEU A 218 8.57 5.77 7.74
CA LEU A 218 8.22 7.16 7.39
C LEU A 218 9.43 8.10 7.61
N GLY A 219 10.47 7.67 8.32
CA GLY A 219 11.67 8.51 8.55
C GLY A 219 11.48 9.42 9.74
N TRP A 220 10.64 8.99 10.70
CA TRP A 220 10.40 9.75 11.94
C TRP A 220 11.20 9.09 13.07
N ARG A 221 11.51 9.88 14.09
CA ARG A 221 12.24 9.42 15.30
C ARG A 221 11.24 9.43 16.44
N VAL A 222 11.20 8.36 17.20
CA VAL A 222 10.26 8.26 18.36
C VAL A 222 10.82 9.10 19.50
N ARG A 223 9.96 9.93 20.07
CA ARG A 223 10.29 10.71 21.29
C ARG A 223 9.70 10.05 22.54
N ASP A 224 8.48 9.55 22.47
CA ASP A 224 7.88 8.85 23.64
C ASP A 224 6.85 7.88 23.11
N ILE A 225 6.53 6.90 23.91
CA ILE A 225 5.40 5.96 23.67
C ILE A 225 4.65 5.84 24.97
N ARG A 226 3.35 6.05 24.94
CA ARG A 226 2.49 5.88 26.13
C ARG A 226 1.43 4.83 25.82
N GLN A 227 1.29 3.84 26.68
CA GLN A 227 0.38 2.71 26.45
C GLN A 227 -0.53 2.56 27.66
N GLN A 228 -1.79 2.29 27.39
CA GLN A 228 -2.78 1.83 28.40
C GLN A 228 -3.33 0.48 27.94
N LEU A 229 -3.47 -0.50 28.83
CA LEU A 229 -4.05 -1.81 28.53
C LEU A 229 -5.34 -1.91 29.32
N LEU A 230 -6.45 -2.04 28.64
CA LEU A 230 -7.78 -1.98 29.29
C LEU A 230 -8.46 -3.29 28.99
N PRO A 231 -9.05 -3.96 29.97
CA PRO A 231 -9.77 -5.20 29.71
C PRO A 231 -11.09 -4.96 28.96
N THR A 232 -11.43 -5.86 28.07
CA THR A 232 -12.73 -5.95 27.40
C THR A 232 -13.68 -6.81 28.24
N THR A 233 -14.98 -6.59 28.07
CA THR A 233 -16.01 -7.40 28.75
C THR A 233 -17.14 -7.79 27.81
N HIS A 234 -17.97 -8.72 28.30
CA HIS A 234 -19.25 -9.09 27.66
C HIS A 234 -20.30 -9.29 28.75
N THR A 235 -21.58 -9.26 28.38
CA THR A 235 -22.72 -9.36 29.32
C THR A 235 -23.13 -10.81 29.55
N GLY A 236 -22.55 -11.76 28.83
CA GLY A 236 -22.79 -13.21 28.96
C GLY A 236 -21.47 -13.95 29.08
N THR A 237 -21.50 -15.20 29.53
CA THR A 237 -20.32 -16.09 29.55
C THR A 237 -19.83 -16.29 28.10
N LEU A 238 -18.51 -16.25 27.90
CA LEU A 238 -17.92 -16.69 26.62
C LEU A 238 -16.91 -17.80 26.89
N ARG A 239 -16.67 -18.67 25.94
CA ARG A 239 -15.77 -19.82 26.10
C ARG A 239 -14.48 -19.51 25.36
N SER A 240 -13.34 -19.66 26.04
CA SER A 240 -12.01 -19.63 25.37
C SER A 240 -11.62 -21.04 24.94
N ALA A 241 -11.48 -21.29 23.64
CA ALA A 241 -10.89 -22.55 23.15
C ALA A 241 -9.43 -22.66 23.51
N SER A 242 -8.61 -21.62 23.36
CA SER A 242 -7.16 -21.75 23.61
C SER A 242 -6.89 -21.96 25.11
N LEU A 243 -7.72 -21.41 26.00
CA LEU A 243 -7.44 -21.59 27.45
C LEU A 243 -8.27 -22.75 28.00
N GLY A 244 -9.28 -23.19 27.28
CA GLY A 244 -10.05 -24.36 27.70
C GLY A 244 -10.84 -24.03 28.93
N ARG A 245 -11.44 -22.86 28.98
CA ARG A 245 -12.32 -22.52 30.13
C ARG A 245 -13.31 -21.44 29.74
N GLU A 246 -14.33 -21.27 30.58
CA GLU A 246 -15.36 -20.25 30.42
C GLU A 246 -14.88 -18.96 31.04
N VAL A 247 -15.28 -17.85 30.46
CA VAL A 247 -15.00 -16.49 30.98
C VAL A 247 -16.32 -15.90 31.45
N PRO A 248 -16.54 -15.79 32.79
CA PRO A 248 -17.78 -15.23 33.30
C PRO A 248 -18.03 -13.78 32.88
N ALA A 249 -19.30 -13.41 32.75
CA ALA A 249 -19.73 -12.02 32.47
C ALA A 249 -19.09 -11.11 33.51
N GLY A 250 -18.40 -10.03 33.10
CA GLY A 250 -17.76 -9.07 34.01
C GLY A 250 -16.29 -9.39 34.26
N HIS A 251 -15.80 -10.52 33.75
CA HIS A 251 -14.34 -10.81 33.69
C HIS A 251 -13.79 -10.33 32.35
N ALA A 252 -12.48 -10.21 32.27
CA ALA A 252 -11.81 -9.73 31.04
C ALA A 252 -11.97 -10.81 29.99
N THR A 253 -12.51 -10.42 28.83
CA THR A 253 -12.60 -11.31 27.65
C THR A 253 -11.38 -11.08 26.74
N GLY A 254 -10.46 -10.24 27.13
CA GLY A 254 -9.39 -9.76 26.27
C GLY A 254 -9.01 -8.38 26.64
N MET A 255 -8.32 -7.66 25.74
CA MET A 255 -7.91 -6.32 26.10
C MET A 255 -7.88 -5.43 24.87
N LYS A 256 -8.04 -4.16 25.15
CA LYS A 256 -7.75 -3.07 24.21
C LYS A 256 -6.45 -2.41 24.66
N ALA A 257 -5.44 -2.39 23.81
CA ALA A 257 -4.27 -1.55 24.03
C ALA A 257 -4.39 -0.26 23.27
N VAL A 258 -4.15 0.85 23.94
CA VAL A 258 -4.13 2.18 23.26
C VAL A 258 -2.69 2.68 23.36
N VAL A 259 -2.03 2.82 22.24
CA VAL A 259 -0.62 3.26 22.15
C VAL A 259 -0.60 4.61 21.44
N VAL A 260 0.00 5.58 22.11
CA VAL A 260 0.25 6.90 21.49
C VAL A 260 1.74 7.05 21.35
N THR A 261 2.17 7.14 20.08
CA THR A 261 3.58 7.21 19.68
C THR A 261 3.86 8.65 19.22
N GLU A 262 4.65 9.38 19.99
CA GLU A 262 4.99 10.78 19.70
C GLU A 262 6.36 10.82 19.05
N THR A 263 6.49 11.63 18.01
CA THR A 263 7.75 11.74 17.25
C THR A 263 8.44 13.07 17.55
N HIS A 264 9.74 13.12 17.31
CA HIS A 264 10.49 14.39 17.33
C HIS A 264 9.97 15.32 16.24
N GLU A 265 9.62 14.77 15.09
CA GLU A 265 9.23 15.54 13.89
C GLU A 265 7.87 16.24 14.12
N GLY A 266 7.01 15.73 14.99
CA GLY A 266 5.72 16.34 15.35
C GLY A 266 4.55 15.36 15.23
N PRO A 267 4.42 14.62 14.12
CA PRO A 267 3.28 13.71 13.98
C PRO A 267 3.17 12.70 15.10
N VAL A 268 1.94 12.32 15.40
CA VAL A 268 1.62 11.33 16.44
C VAL A 268 0.87 10.18 15.76
N ILE A 269 1.22 8.97 16.18
CA ILE A 269 0.46 7.75 15.80
C ILE A 269 -0.28 7.26 17.04
N GLU A 270 -1.59 7.19 16.93
CA GLU A 270 -2.50 6.72 18.00
C GLU A 270 -3.18 5.44 17.52
N THR A 271 -2.84 4.31 18.14
CA THR A 271 -3.32 3.00 17.64
C THR A 271 -4.03 2.25 18.72
N HIS A 272 -5.24 1.79 18.40
CA HIS A 272 -6.10 0.99 19.30
C HIS A 272 -6.05 -0.45 18.81
N CYS A 273 -5.72 -1.39 19.68
CA CYS A 273 -5.44 -2.78 19.27
C CYS A 273 -6.23 -3.71 20.19
N VAL A 274 -7.25 -4.35 19.67
CA VAL A 274 -8.22 -5.14 20.49
C VAL A 274 -8.06 -6.60 20.12
N GLY A 275 -7.71 -7.44 21.10
CA GLY A 275 -7.78 -8.91 20.97
C GLY A 275 -8.67 -9.48 22.04
N LYS A 276 -9.77 -10.12 21.64
CA LYS A 276 -10.76 -10.59 22.64
C LYS A 276 -11.56 -11.75 22.10
N LEU A 277 -12.25 -12.41 23.02
CA LEU A 277 -13.34 -13.33 22.65
C LEU A 277 -14.50 -12.49 22.07
N TYR A 278 -15.19 -13.04 21.10
CA TYR A 278 -16.29 -12.39 20.39
C TYR A 278 -17.63 -12.91 20.91
N ALA A 279 -18.50 -11.94 21.11
CA ALA A 279 -19.95 -12.15 21.25
C ALA A 279 -20.53 -12.49 19.88
N PRO A 280 -21.73 -13.11 19.83
CA PRO A 280 -22.35 -13.41 18.54
C PRO A 280 -22.47 -12.14 17.69
N GLY A 281 -22.05 -12.22 16.43
CA GLY A 281 -22.16 -11.11 15.47
C GLY A 281 -20.92 -10.23 15.39
N GLU A 282 -19.97 -10.35 16.32
CA GLU A 282 -18.78 -9.48 16.27
C GLU A 282 -17.87 -10.01 15.16
N VAL A 283 -17.12 -9.08 14.58
CA VAL A 283 -16.17 -9.34 13.46
C VAL A 283 -14.87 -8.60 13.68
N ASP A 284 -13.85 -9.03 12.95
CA ASP A 284 -12.55 -8.35 12.91
C ASP A 284 -12.73 -6.95 12.28
N LEU A 285 -11.93 -5.98 12.73
CA LEU A 285 -12.03 -4.55 12.33
C LEU A 285 -10.61 -4.09 11.93
N ASN A 286 -10.53 -3.31 10.89
CA ASN A 286 -9.29 -2.60 10.53
C ASN A 286 -9.68 -1.28 9.91
N GLU A 287 -9.29 -0.16 10.55
CA GLU A 287 -9.65 1.19 10.08
C GLU A 287 -8.51 2.14 10.45
N TRP A 288 -8.05 2.92 9.50
CA TRP A 288 -6.96 3.91 9.70
C TRP A 288 -7.43 5.25 9.13
N THR A 289 -7.09 6.32 9.83
CA THR A 289 -7.27 7.70 9.33
C THR A 289 -5.92 8.42 9.37
N LEU A 290 -5.53 9.00 8.26
CA LEU A 290 -4.41 9.94 8.21
C LEU A 290 -5.05 11.31 8.27
N ARG A 291 -4.77 12.04 9.37
CA ARG A 291 -5.31 13.40 9.60
C ARG A 291 -4.27 14.42 9.15
N GLY A 292 -4.67 15.36 8.31
CA GLY A 292 -3.81 16.44 7.86
C GLY A 292 -4.34 16.99 6.56
N GLU A 293 -3.50 17.04 5.55
CA GLU A 293 -3.92 17.51 4.24
C GLU A 293 -3.64 16.43 3.20
N PRO A 294 -4.66 15.81 2.65
CA PRO A 294 -6.02 15.79 3.15
C PRO A 294 -6.20 14.77 4.27
N ASP A 295 -7.38 14.73 4.84
CA ASP A 295 -7.78 13.60 5.72
C ASP A 295 -8.18 12.42 4.84
N THR A 296 -7.65 11.25 5.12
CA THR A 296 -8.03 10.00 4.40
C THR A 296 -8.41 8.91 5.41
N THR A 297 -9.55 8.27 5.23
CA THR A 297 -9.95 7.09 6.05
C THR A 297 -10.03 5.84 5.18
N VAL A 298 -9.35 4.79 5.59
CA VAL A 298 -9.39 3.47 4.90
C VAL A 298 -10.01 2.47 5.88
N THR A 299 -10.87 1.60 5.38
CA THR A 299 -11.50 0.51 6.14
C THR A 299 -11.31 -0.79 5.37
N ILE A 300 -10.90 -1.84 6.06
CA ILE A 300 -10.96 -3.22 5.50
C ILE A 300 -12.21 -3.87 6.04
N ARG A 301 -13.04 -4.42 5.16
CA ARG A 301 -14.34 -5.01 5.59
C ARG A 301 -14.08 -6.43 6.13
N GLN A 302 -14.18 -6.64 7.45
CA GLN A 302 -14.10 -8.00 8.05
C GLN A 302 -12.84 -8.71 7.55
N PRO A 303 -11.65 -8.17 7.83
CA PRO A 303 -10.42 -8.77 7.35
C PRO A 303 -10.31 -10.23 7.84
N ALA A 304 -9.92 -11.13 6.97
CA ALA A 304 -9.65 -12.53 7.27
C ALA A 304 -8.26 -12.67 7.91
N THR A 305 -8.15 -12.16 9.11
CA THR A 305 -6.87 -11.90 9.78
C THR A 305 -5.97 -13.12 9.75
N PRO A 306 -6.41 -14.34 10.08
CA PRO A 306 -5.50 -15.50 10.06
C PRO A 306 -4.93 -15.80 8.65
N ALA A 307 -5.78 -15.74 7.64
CA ALA A 307 -5.39 -15.96 6.24
C ALA A 307 -4.41 -14.90 5.79
N LEU A 308 -4.66 -13.64 6.15
CA LEU A 308 -3.81 -12.54 5.69
C LEU A 308 -2.47 -12.59 6.39
N THR A 309 -2.43 -13.00 7.68
CA THR A 309 -1.15 -13.20 8.39
C THR A 309 -0.26 -14.18 7.63
N CYS A 310 -0.83 -15.32 7.30
CA CYS A 310 -0.03 -16.44 6.73
C CYS A 310 0.37 -16.10 5.29
N ALA A 311 -0.53 -15.51 4.53
CA ALA A 311 -0.23 -15.19 3.11
C ALA A 311 0.89 -14.17 3.05
N THR A 312 0.90 -13.19 3.94
CA THR A 312 1.93 -12.16 3.93
C THR A 312 3.29 -12.82 4.18
N VAL A 313 3.37 -13.71 5.15
CA VAL A 313 4.64 -14.41 5.45
C VAL A 313 5.16 -15.07 4.18
N LEU A 314 4.32 -15.83 3.52
CA LEU A 314 4.80 -16.56 2.31
C LEU A 314 5.22 -15.57 1.23
N ASN A 315 4.46 -14.52 0.97
CA ASN A 315 4.83 -13.60 -0.12
C ASN A 315 6.13 -12.89 0.21
N ARG A 316 6.50 -12.79 1.48
CA ARG A 316 7.78 -12.20 1.92
C ARG A 316 8.98 -13.08 1.61
N LEU A 317 8.84 -14.36 1.33
CA LEU A 317 10.01 -15.26 1.39
C LEU A 317 11.03 -14.90 0.31
N PRO A 318 10.66 -14.61 -0.96
CA PRO A 318 11.71 -14.26 -1.94
C PRO A 318 12.52 -13.03 -1.51
N GLN A 319 11.88 -12.05 -0.88
CA GLN A 319 12.56 -10.84 -0.40
C GLN A 319 13.46 -11.20 0.78
N LEU A 320 13.02 -12.07 1.69
CA LEU A 320 13.85 -12.55 2.81
C LEU A 320 15.11 -13.20 2.25
N LEU A 321 14.96 -14.05 1.24
CA LEU A 321 16.16 -14.73 0.67
C LEU A 321 17.11 -13.71 0.08
N ALA A 322 16.60 -12.70 -0.63
CA ALA A 322 17.45 -11.71 -1.34
C ALA A 322 18.01 -10.65 -0.37
N ALA A 323 17.42 -10.53 0.82
CA ALA A 323 17.81 -9.45 1.74
C ALA A 323 19.26 -9.64 2.20
N PRO A 324 19.95 -8.55 2.58
CA PRO A 324 21.26 -8.68 3.20
C PRO A 324 21.18 -9.44 4.53
N PRO A 325 22.30 -10.07 4.95
CA PRO A 325 22.33 -10.80 6.22
C PRO A 325 22.11 -9.87 7.41
N GLY A 326 21.60 -10.44 8.49
CA GLY A 326 21.37 -9.69 9.74
C GLY A 326 19.94 -9.87 10.18
N PHE A 327 19.61 -9.22 11.28
CA PHE A 327 18.21 -9.08 11.69
C PHE A 327 17.74 -7.82 10.97
N VAL A 328 16.95 -8.00 9.92
CA VAL A 328 16.52 -6.90 9.04
C VAL A 328 15.00 -6.84 9.12
N THR A 329 14.49 -5.85 9.82
CA THR A 329 13.02 -5.67 9.93
C THR A 329 12.46 -5.20 8.59
N THR A 330 11.19 -5.52 8.36
CA THR A 330 10.57 -5.32 7.01
C THR A 330 10.33 -3.83 6.71
N ASP A 331 10.52 -2.91 7.65
CA ASP A 331 10.47 -1.47 7.36
C ASP A 331 11.59 -1.13 6.36
N ARG A 332 12.64 -1.94 6.28
CA ARG A 332 13.77 -1.72 5.36
C ARG A 332 13.50 -2.38 4.00
N PHE A 333 12.41 -3.11 3.82
CA PHE A 333 12.06 -3.76 2.53
C PHE A 333 11.06 -2.87 1.77
N THR A 334 10.94 -3.05 0.46
CA THR A 334 9.77 -2.58 -0.31
C THR A 334 8.60 -3.46 0.12
N PRO A 335 7.33 -3.08 -0.10
CA PRO A 335 6.22 -3.90 0.37
C PRO A 335 6.23 -5.32 -0.20
N ALA A 336 5.68 -6.25 0.55
CA ALA A 336 5.47 -7.63 0.05
C ALA A 336 4.72 -7.54 -1.28
N THR A 337 5.10 -8.36 -2.25
CA THR A 337 4.36 -8.46 -3.53
C THR A 337 3.76 -9.86 -3.62
N TYR A 338 2.64 -9.95 -4.30
CA TYR A 338 1.98 -11.23 -4.59
C TYR A 338 2.91 -12.13 -5.40
N VAL A 339 3.17 -13.30 -4.85
CA VAL A 339 4.04 -14.36 -5.45
C VAL A 339 3.10 -15.51 -5.82
N SER A 340 3.18 -16.03 -7.05
CA SER A 340 2.39 -17.23 -7.45
C SER A 340 3.22 -18.50 -7.18
N ARG A 341 4.54 -18.43 -7.24
CA ARG A 341 5.39 -19.64 -7.06
C ARG A 341 6.51 -19.30 -6.08
N LEU A 342 6.64 -20.09 -5.02
CA LEU A 342 7.71 -19.93 -4.02
C LEU A 342 8.91 -20.73 -4.50
N GLU A 343 9.78 -20.08 -5.24
CA GLU A 343 10.97 -20.72 -5.84
C GLU A 343 12.15 -19.82 -5.63
N THR A 344 13.33 -20.40 -5.77
CA THR A 344 14.56 -19.62 -5.61
C THR A 344 15.58 -20.18 -6.60
N GLU A 345 16.73 -19.52 -6.67
CA GLU A 345 17.84 -19.95 -7.57
C GLU A 345 18.35 -21.32 -7.09
N ALA A 346 18.55 -22.26 -8.01
CA ALA A 346 18.98 -23.64 -7.66
C ALA A 346 20.31 -23.66 -6.89
N SER B 6 24.60 21.42 1.10
CA SER B 6 24.85 20.45 -0.01
C SER B 6 23.54 20.07 -0.71
N LYS B 7 22.37 20.39 -0.15
CA LYS B 7 21.07 20.23 -0.85
C LYS B 7 20.52 21.61 -1.28
N ARG B 8 19.65 21.60 -2.29
CA ARG B 8 18.92 22.82 -2.73
C ARG B 8 17.49 22.42 -3.07
N PRO B 9 16.57 23.39 -3.09
CA PRO B 9 15.18 23.09 -3.46
C PRO B 9 15.14 22.47 -4.85
N ILE B 10 14.22 21.53 -5.04
CA ILE B 10 13.86 21.07 -6.40
C ILE B 10 13.23 22.24 -7.15
N ARG B 11 13.68 22.48 -8.37
CA ARG B 11 13.26 23.63 -9.19
C ARG B 11 12.21 23.12 -10.17
N ILE B 12 11.00 23.69 -10.11
CA ILE B 12 9.83 23.12 -10.86
C ILE B 12 9.27 24.17 -11.83
N ILE B 13 8.96 23.75 -13.01
CA ILE B 13 8.11 24.48 -14.00
C ILE B 13 6.70 23.86 -13.95
N GLN B 14 5.69 24.65 -13.64
CA GLN B 14 4.29 24.17 -13.67
C GLN B 14 3.74 24.50 -15.05
N TRP B 15 3.38 23.48 -15.82
CA TRP B 15 2.78 23.66 -17.16
C TRP B 15 1.32 23.21 -17.08
N GLY B 16 0.44 24.21 -17.12
CA GLY B 16 -1.00 24.02 -16.86
C GLY B 16 -1.24 24.55 -15.45
N CYS B 17 -1.84 25.74 -15.35
CA CYS B 17 -2.00 26.50 -14.10
C CYS B 17 -3.48 26.63 -13.80
N GLY B 18 -4.22 25.56 -14.06
CA GLY B 18 -5.66 25.50 -13.77
C GLY B 18 -5.93 24.91 -12.41
N LEU B 19 -6.97 24.09 -12.29
CA LEU B 19 -7.41 23.68 -10.95
C LEU B 19 -6.34 22.86 -10.22
N MET B 20 -5.73 21.85 -10.87
CA MET B 20 -4.70 21.06 -10.19
C MET B 20 -3.36 21.83 -10.14
N GLY B 21 -3.02 22.55 -11.21
CA GLY B 21 -1.77 23.32 -11.24
C GLY B 21 -1.71 24.36 -10.13
N GLN B 22 -2.80 25.03 -9.88
CA GLN B 22 -2.86 26.03 -8.78
C GLN B 22 -2.57 25.35 -7.44
N THR B 23 -3.18 24.19 -7.16
CA THR B 23 -2.90 23.45 -5.92
C THR B 23 -1.42 23.10 -5.83
N LEU B 24 -0.83 22.64 -6.95
CA LEU B 24 0.58 22.23 -7.00
C LEU B 24 1.53 23.41 -6.77
N ILE B 25 1.25 24.55 -7.38
CA ILE B 25 2.06 25.77 -7.11
C ILE B 25 2.13 26.05 -5.62
N ARG B 26 1.01 26.02 -4.92
CA ARG B 26 1.06 26.32 -3.46
C ARG B 26 1.80 25.18 -2.74
N THR B 27 1.44 23.92 -3.03
CA THR B 27 1.87 22.79 -2.20
C THR B 27 3.33 22.45 -2.46
N LEU B 28 3.84 22.63 -3.68
CA LEU B 28 5.26 22.37 -3.92
C LEU B 28 6.12 23.29 -3.02
N ARG B 29 5.68 24.52 -2.82
CA ARG B 29 6.44 25.49 -1.97
C ARG B 29 6.28 25.09 -0.50
N GLU B 30 5.13 24.56 -0.11
CA GLU B 30 4.93 24.10 1.29
C GLU B 30 5.91 22.98 1.62
N LYS B 31 6.37 22.21 0.61
CA LYS B 31 7.35 21.13 0.87
C LYS B 31 8.77 21.51 0.49
N GLY B 32 9.04 22.79 0.27
CA GLY B 32 10.39 23.34 0.16
C GLY B 32 10.92 23.35 -1.24
N ALA B 33 10.10 23.02 -2.26
CA ALA B 33 10.54 23.22 -3.66
C ALA B 33 10.37 24.68 -4.06
N GLU B 34 10.95 25.04 -5.20
CA GLU B 34 10.86 26.40 -5.77
C GLU B 34 10.20 26.36 -7.12
N LEU B 35 9.29 27.30 -7.36
CA LEU B 35 8.68 27.47 -8.68
C LEU B 35 9.59 28.37 -9.51
N VAL B 36 10.12 27.85 -10.61
CA VAL B 36 11.05 28.61 -11.48
C VAL B 36 10.45 28.90 -12.85
N GLY B 37 9.25 28.43 -13.17
CA GLY B 37 8.60 28.78 -14.42
C GLY B 37 7.14 28.35 -14.39
N ALA B 38 6.31 28.98 -15.23
CA ALA B 38 4.87 28.64 -15.26
C ALA B 38 4.36 28.91 -16.67
N ILE B 39 3.60 27.97 -17.22
CA ILE B 39 3.07 28.01 -18.59
C ILE B 39 1.55 27.71 -18.50
N ASP B 40 0.76 28.49 -19.22
CA ASP B 40 -0.69 28.28 -19.33
C ASP B 40 -1.17 29.08 -20.54
N HIS B 41 -2.09 28.53 -21.32
CA HIS B 41 -2.62 29.24 -22.51
C HIS B 41 -3.89 30.02 -22.25
N ASN B 42 -4.46 29.96 -21.05
CA ASN B 42 -5.74 30.63 -20.84
C ASN B 42 -5.54 32.15 -20.75
N ALA B 43 -6.45 32.91 -21.36
CA ALA B 43 -6.31 34.39 -21.38
C ALA B 43 -6.38 34.99 -19.98
N ALA B 44 -6.99 34.30 -19.01
CA ALA B 44 -7.08 34.84 -17.63
C ALA B 44 -5.78 34.59 -16.87
N ARG B 45 -4.83 33.86 -17.44
CA ARG B 45 -3.61 33.46 -16.69
C ARG B 45 -2.38 33.94 -17.40
N ARG B 46 -2.32 33.95 -18.73
CA ARG B 46 -1.11 34.45 -19.43
C ARG B 46 -0.72 35.82 -18.87
N ASP B 47 0.56 35.98 -18.55
CA ASP B 47 1.22 37.23 -18.05
C ASP B 47 0.81 37.59 -16.63
N ARG B 48 -0.02 36.78 -15.96
CA ARG B 48 -0.21 36.94 -14.49
C ARG B 48 0.97 36.31 -13.75
N ASP B 49 1.16 36.72 -12.52
CA ASP B 49 2.07 36.02 -11.62
C ASP B 49 1.47 34.66 -11.27
N ALA B 50 2.28 33.62 -11.31
CA ALA B 50 1.84 32.23 -11.00
C ALA B 50 1.36 32.11 -9.55
N GLY B 51 2.03 32.77 -8.61
CA GLY B 51 1.59 32.71 -7.20
C GLY B 51 0.21 33.29 -7.03
N GLU B 52 -0.05 34.46 -7.58
CA GLU B 52 -1.39 35.09 -7.47
C GLU B 52 -2.47 34.18 -8.08
N VAL B 53 -2.19 33.58 -9.22
CA VAL B 53 -3.13 32.64 -9.89
C VAL B 53 -3.40 31.42 -9.00
N ALA B 54 -2.41 30.99 -8.22
CA ALA B 54 -2.52 29.85 -7.30
C ALA B 54 -3.23 30.26 -5.99
N GLY B 55 -3.53 31.54 -5.81
CA GLY B 55 -4.23 32.01 -4.60
C GLY B 55 -3.28 32.50 -3.52
N LEU B 56 -2.01 32.61 -3.82
CA LEU B 56 -1.04 33.21 -2.85
C LEU B 56 -1.23 34.73 -2.84
N GLY B 57 -0.97 35.32 -1.69
CA GLY B 57 -1.08 36.80 -1.57
C GLY B 57 0.16 37.56 -1.94
N GLN B 58 1.34 36.94 -1.95
CA GLN B 58 2.62 37.61 -2.22
C GLN B 58 3.12 37.10 -3.57
N SER B 59 3.30 38.03 -4.52
CA SER B 59 3.74 37.68 -5.89
C SER B 59 5.04 36.86 -5.81
N LEU B 60 5.21 35.82 -6.62
CA LEU B 60 6.43 35.02 -6.73
C LEU B 60 7.43 35.62 -7.71
N GLY B 61 7.00 36.57 -8.54
CA GLY B 61 7.85 37.04 -9.65
C GLY B 61 8.09 35.96 -10.67
N VAL B 62 7.14 35.05 -10.84
CA VAL B 62 7.19 34.01 -11.92
C VAL B 62 6.00 34.27 -12.84
N ARG B 63 6.29 34.83 -14.01
CA ARG B 63 5.21 35.28 -14.92
C ARG B 63 4.75 34.04 -15.70
N ILE B 64 3.45 33.83 -15.79
CA ILE B 64 2.90 32.73 -16.62
C ILE B 64 3.07 33.10 -18.09
N HIS B 65 3.71 32.21 -18.85
CA HIS B 65 3.88 32.35 -20.31
C HIS B 65 2.92 31.43 -21.06
N PRO B 66 2.50 31.81 -22.28
CA PRO B 66 1.74 30.92 -23.15
C PRO B 66 2.66 29.83 -23.66
N PRO B 67 2.15 28.67 -24.08
CA PRO B 67 3.01 27.55 -24.45
C PRO B 67 3.85 27.77 -25.72
N ASP B 68 3.47 28.69 -26.59
CA ASP B 68 4.36 29.04 -27.73
C ASP B 68 5.67 29.66 -27.20
N GLN B 69 5.73 30.14 -25.96
CA GLN B 69 6.97 30.68 -25.34
C GLN B 69 7.62 29.67 -24.39
N ALA B 70 7.24 28.39 -24.46
CA ALA B 70 7.77 27.38 -23.52
C ALA B 70 9.30 27.33 -23.56
N ASP B 71 9.89 27.36 -24.77
CA ASP B 71 11.35 27.21 -24.86
C ASP B 71 12.05 28.27 -24.06
N ALA B 72 11.53 29.50 -24.11
CA ALA B 72 12.13 30.65 -23.38
C ALA B 72 12.08 30.38 -21.87
N VAL B 73 10.93 29.90 -21.36
CA VAL B 73 10.78 29.58 -19.92
C VAL B 73 11.83 28.54 -19.55
N PHE B 74 11.97 27.48 -20.33
CA PHE B 74 12.87 26.34 -20.00
C PHE B 74 14.33 26.80 -20.04
N ARG B 75 14.66 27.71 -20.93
CA ARG B 75 16.07 28.23 -21.01
C ARG B 75 16.47 28.99 -19.77
N GLU B 76 15.63 29.86 -19.27
CA GLU B 76 15.96 30.72 -18.13
C GLU B 76 15.78 29.96 -16.79
N ALA B 77 14.96 28.92 -16.74
CA ALA B 77 14.47 28.36 -15.46
C ALA B 77 15.49 27.48 -14.75
N ARG B 78 16.38 26.79 -15.47
CA ARG B 78 17.33 25.85 -14.87
C ARG B 78 16.53 24.88 -14.00
N ALA B 79 15.48 24.30 -14.58
CA ALA B 79 14.57 23.43 -13.83
C ALA B 79 15.10 22.00 -13.70
N ASP B 80 14.64 21.34 -12.64
CA ASP B 80 14.85 19.90 -12.43
C ASP B 80 13.65 19.11 -12.96
N VAL B 81 12.45 19.68 -12.86
CA VAL B 81 11.17 18.98 -13.10
C VAL B 81 10.19 19.93 -13.77
N CYS B 82 9.44 19.41 -14.74
CA CYS B 82 8.22 20.03 -15.26
C CYS B 82 7.04 19.17 -14.79
N ILE B 83 6.09 19.77 -14.08
CA ILE B 83 4.82 19.12 -13.73
C ILE B 83 3.80 19.59 -14.77
N LEU B 84 3.16 18.66 -15.46
CA LEU B 84 2.29 18.93 -16.61
C LEU B 84 0.84 18.53 -16.24
N CYS B 85 -0.01 19.55 -16.12
CA CYS B 85 -1.42 19.36 -15.70
C CYS B 85 -2.29 20.12 -16.70
N THR B 86 -2.57 19.49 -17.83
CA THR B 86 -3.24 20.15 -18.99
C THR B 86 -4.41 19.33 -19.48
N ARG B 87 -4.09 18.23 -20.14
CA ARG B 87 -5.05 17.38 -20.86
C ARG B 87 -4.86 15.91 -20.44
N SER B 88 -5.69 15.03 -21.00
CA SER B 88 -5.84 13.62 -20.58
C SER B 88 -5.16 12.64 -21.54
N ILE B 89 -4.99 13.00 -22.79
CA ILE B 89 -4.57 12.01 -23.82
C ILE B 89 -3.18 12.35 -24.34
N MET B 90 -2.44 11.31 -24.68
CA MET B 90 -1.02 11.43 -25.07
C MET B 90 -0.86 12.39 -26.26
N SER B 91 -1.77 12.38 -27.23
CA SER B 91 -1.61 13.24 -28.44
C SER B 91 -1.65 14.70 -28.01
N GLU B 92 -2.33 15.03 -26.91
CA GLU B 92 -2.45 16.43 -26.43
C GLU B 92 -1.38 16.74 -25.38
N LEU B 93 -0.58 15.77 -24.98
CA LEU B 93 0.52 15.94 -24.01
C LEU B 93 1.87 15.94 -24.71
N ALA B 94 1.97 15.30 -25.87
CA ALA B 94 3.29 15.06 -26.46
C ALA B 94 4.03 16.37 -26.73
N GLY B 95 3.35 17.42 -27.17
CA GLY B 95 4.08 18.68 -27.46
C GLY B 95 4.87 19.14 -26.26
N ALA B 96 4.22 19.21 -25.09
CA ALA B 96 4.86 19.69 -23.85
C ALA B 96 5.95 18.72 -23.40
N LEU B 97 5.70 17.40 -23.47
CA LEU B 97 6.68 16.40 -23.02
C LEU B 97 7.93 16.46 -23.93
N ARG B 98 7.76 16.77 -25.21
CA ARG B 98 8.90 16.93 -26.14
C ARG B 98 9.74 18.14 -25.74
N VAL B 99 9.11 19.24 -25.36
CA VAL B 99 9.87 20.43 -24.90
C VAL B 99 10.66 20.04 -23.64
N ALA B 100 10.03 19.46 -22.62
CA ALA B 100 10.75 19.10 -21.39
C ALA B 100 11.94 18.19 -21.73
N ALA B 101 11.73 17.16 -22.55
CA ALA B 101 12.80 16.19 -22.88
C ALA B 101 13.92 16.92 -23.64
N ARG B 102 13.58 17.83 -24.56
CA ARG B 102 14.66 18.48 -25.37
C ARG B 102 15.51 19.39 -24.50
N HIS B 103 14.98 19.85 -23.37
CA HIS B 103 15.73 20.70 -22.43
C HIS B 103 16.38 19.84 -21.33
N GLY B 104 16.28 18.51 -21.41
CA GLY B 104 16.82 17.58 -20.40
C GLY B 104 16.17 17.74 -19.05
N VAL B 105 14.89 18.11 -19.04
CA VAL B 105 14.12 18.34 -17.78
C VAL B 105 13.18 17.14 -17.56
N ASN B 106 13.28 16.53 -16.39
CA ASN B 106 12.39 15.42 -15.99
C ASN B 106 10.96 15.95 -16.04
N ALA B 107 10.00 15.10 -16.36
CA ALA B 107 8.59 15.55 -16.42
C ALA B 107 7.69 14.49 -15.83
N ILE B 108 6.73 14.97 -15.09
CA ILE B 108 5.66 14.14 -14.52
C ILE B 108 4.33 14.77 -14.88
N THR B 109 3.42 14.00 -15.48
CA THR B 109 2.12 14.53 -15.87
C THR B 109 1.01 13.78 -15.13
N ILE B 110 -0.07 14.49 -14.81
CA ILE B 110 -1.31 13.80 -14.34
C ILE B 110 -2.19 13.38 -15.51
N GLY B 111 -1.85 13.71 -16.74
CA GLY B 111 -2.71 13.27 -17.85
C GLY B 111 -2.88 11.75 -17.79
N GLU B 112 -4.12 11.30 -17.82
CA GLU B 112 -4.43 9.94 -17.33
C GLU B 112 -3.87 8.88 -18.28
N GLU B 113 -3.81 9.14 -19.57
CA GLU B 113 -3.30 8.09 -20.49
C GLU B 113 -1.82 7.83 -20.18
N ALA B 114 -1.10 8.89 -19.78
CA ALA B 114 0.36 8.82 -19.56
C ALA B 114 0.71 7.93 -18.35
N PHE B 115 -0.28 7.59 -17.50
CA PHE B 115 -0.03 6.65 -16.39
C PHE B 115 0.55 5.34 -16.93
N TYR B 116 0.04 4.92 -18.06
CA TYR B 116 0.58 3.70 -18.72
C TYR B 116 0.19 3.71 -20.19
N PRO B 117 0.96 4.41 -21.04
CA PRO B 117 0.54 4.64 -22.43
C PRO B 117 1.15 3.69 -23.46
N TRP B 118 1.88 2.69 -23.02
CA TRP B 118 2.73 1.82 -23.88
C TRP B 118 1.94 1.11 -24.96
N THR B 119 0.70 0.72 -24.71
CA THR B 119 -0.10 0.03 -25.75
C THR B 119 -1.17 0.95 -26.37
N THR B 120 -1.73 1.92 -25.65
CA THR B 120 -2.78 2.81 -26.20
C THR B 120 -2.18 3.88 -27.11
N SER B 121 -0.93 4.30 -26.86
CA SER B 121 -0.19 5.29 -27.70
C SER B 121 1.25 4.83 -27.81
N GLN B 122 1.46 3.70 -28.47
CA GLN B 122 2.79 3.06 -28.49
C GLN B 122 3.82 3.94 -29.20
N ALA B 123 3.51 4.42 -30.41
CA ALA B 123 4.47 5.23 -31.21
C ALA B 123 4.90 6.48 -30.44
N LEU B 124 3.96 7.23 -29.86
CA LEU B 124 4.30 8.46 -29.09
C LEU B 124 5.14 8.08 -27.88
N THR B 125 4.78 7.03 -27.15
CA THR B 125 5.52 6.63 -25.94
C THR B 125 6.96 6.27 -26.34
N GLU B 126 7.12 5.48 -27.41
CA GLU B 126 8.49 5.08 -27.84
C GLU B 126 9.29 6.33 -28.25
N GLU B 127 8.66 7.25 -28.98
CA GLU B 127 9.34 8.47 -29.44
C GLU B 127 9.79 9.23 -28.20
N LEU B 128 8.88 9.42 -27.22
CA LEU B 128 9.23 10.24 -26.04
C LEU B 128 10.29 9.52 -25.20
N ASP B 129 10.21 8.19 -25.09
CA ASP B 129 11.19 7.37 -24.34
C ASP B 129 12.59 7.60 -24.94
N GLN B 130 12.67 7.55 -26.28
CA GLN B 130 13.99 7.67 -26.97
C GLN B 130 14.51 9.10 -26.77
N LEU B 131 13.63 10.09 -26.90
CA LEU B 131 14.00 11.52 -26.73
C LEU B 131 14.48 11.77 -25.31
N ALA B 132 13.75 11.30 -24.29
CA ALA B 132 14.15 11.49 -22.87
C ALA B 132 15.51 10.81 -22.65
N ARG B 133 15.68 9.59 -23.14
CA ARG B 133 16.95 8.85 -22.94
C ARG B 133 18.11 9.64 -23.59
N ALA B 134 17.92 10.19 -24.79
CA ALA B 134 18.97 10.94 -25.52
C ALA B 134 19.31 12.23 -24.77
N ASN B 135 18.43 12.73 -23.88
CA ASN B 135 18.64 14.00 -23.15
C ASN B 135 18.77 13.74 -21.63
N ASP B 136 19.02 12.49 -21.20
CA ASP B 136 19.35 12.13 -19.79
C ASP B 136 18.27 12.63 -18.82
N CYS B 137 17.00 12.41 -19.14
CA CYS B 137 15.91 12.81 -18.20
C CYS B 137 14.81 11.75 -18.25
N THR B 138 13.88 11.81 -17.31
CA THR B 138 12.81 10.82 -17.13
C THR B 138 11.45 11.47 -17.30
N LEU B 139 10.56 10.83 -18.03
CA LEU B 139 9.12 11.24 -18.18
C LEU B 139 8.27 10.16 -17.52
N THR B 140 7.20 10.56 -16.83
CA THR B 140 6.29 9.58 -16.24
C THR B 140 4.90 10.19 -16.09
N GLY B 141 3.93 9.31 -15.80
CA GLY B 141 2.57 9.72 -15.43
C GLY B 141 2.23 9.30 -14.02
N SER B 142 1.51 10.16 -13.30
CA SER B 142 1.04 9.82 -11.97
C SER B 142 -0.26 10.60 -11.70
N GLY B 143 -0.63 10.68 -10.45
CA GLY B 143 -1.91 11.25 -9.99
C GLY B 143 -2.63 10.27 -9.09
N PHE B 144 -3.94 10.37 -9.09
CA PHE B 144 -4.75 9.57 -8.15
C PHE B 144 -4.59 8.06 -8.39
N GLN B 145 -4.37 7.66 -9.61
CA GLN B 145 -4.31 6.23 -9.97
C GLN B 145 -3.14 5.54 -9.27
N ASP B 146 -2.05 6.28 -9.07
CA ASP B 146 -0.77 5.73 -8.59
C ASP B 146 -1.01 4.89 -7.33
N VAL B 147 -1.72 5.44 -6.35
CA VAL B 147 -2.16 4.68 -5.16
C VAL B 147 -3.56 4.11 -5.38
N PHE B 148 -4.53 4.92 -5.79
CA PHE B 148 -5.97 4.56 -5.60
C PHE B 148 -6.52 3.68 -6.72
N ALA B 149 -5.73 3.39 -7.75
CA ALA B 149 -6.07 2.34 -8.74
C ALA B 149 -4.79 1.56 -9.02
N GLY B 150 -3.89 1.52 -8.03
CA GLY B 150 -2.49 1.09 -8.23
C GLY B 150 -1.95 0.41 -6.98
N ASN B 151 -1.07 1.10 -6.26
CA ASN B 151 -0.33 0.48 -5.15
C ASN B 151 -1.23 0.16 -3.94
N LEU B 152 -2.40 0.79 -3.78
CA LEU B 152 -3.31 0.35 -2.71
C LEU B 152 -3.67 -1.11 -2.98
N ILE B 153 -3.89 -1.46 -4.24
CA ILE B 153 -4.29 -2.83 -4.60
C ILE B 153 -3.07 -3.74 -4.48
N THR B 154 -1.93 -3.34 -5.01
CA THR B 154 -0.75 -4.21 -5.00
C THR B 154 -0.25 -4.43 -3.57
N VAL B 155 -0.41 -3.47 -2.65
CA VAL B 155 0.00 -3.72 -1.25
CA VAL B 155 0.00 -3.71 -1.24
C VAL B 155 -0.90 -4.81 -0.64
N LEU B 156 -2.19 -4.74 -0.93
CA LEU B 156 -3.12 -5.74 -0.40
C LEU B 156 -2.90 -7.10 -1.07
N ALA B 157 -2.50 -7.08 -2.33
CA ALA B 157 -2.17 -8.34 -3.03
C ALA B 157 -1.00 -9.03 -2.32
N GLY B 158 -0.07 -8.28 -1.75
CA GLY B 158 1.07 -8.82 -0.99
C GLY B 158 0.66 -9.58 0.25
N ALA B 159 -0.60 -9.41 0.70
CA ALA B 159 -1.16 -10.14 1.85
C ALA B 159 -2.14 -11.22 1.39
N THR B 160 -2.13 -11.58 0.11
CA THR B 160 -3.16 -12.46 -0.47
C THR B 160 -2.50 -13.76 -0.86
N HIS B 161 -3.18 -14.87 -0.57
CA HIS B 161 -2.66 -16.22 -0.93
C HIS B 161 -2.91 -16.52 -2.40
N ARG B 162 -4.14 -16.40 -2.87
CA ARG B 162 -4.49 -16.66 -4.27
C ARG B 162 -5.45 -15.56 -4.73
N ILE B 163 -5.14 -14.94 -5.85
CA ILE B 163 -6.02 -13.92 -6.49
C ILE B 163 -6.70 -14.59 -7.70
N ASP B 164 -8.01 -14.64 -7.67
CA ASP B 164 -8.85 -15.03 -8.83
C ASP B 164 -9.31 -13.82 -9.63
N ARG B 165 -9.75 -12.76 -8.92
CA ARG B 165 -10.30 -11.59 -9.62
C ARG B 165 -10.03 -10.38 -8.73
N ILE B 166 -9.78 -9.24 -9.35
CA ILE B 166 -9.76 -7.94 -8.64
C ILE B 166 -10.90 -7.12 -9.20
N VAL B 167 -11.76 -6.59 -8.35
CA VAL B 167 -12.94 -5.82 -8.78
C VAL B 167 -12.85 -4.44 -8.13
N GLY B 168 -12.85 -3.40 -8.95
CA GLY B 168 -12.68 -2.02 -8.47
C GLY B 168 -13.85 -1.13 -8.82
N LEU B 169 -14.04 -0.09 -8.02
CA LEU B 169 -14.95 1.05 -8.28
C LEU B 169 -14.21 2.33 -7.93
N THR B 170 -14.17 3.28 -8.86
CA THR B 170 -13.63 4.63 -8.67
C THR B 170 -14.69 5.57 -9.22
N GLN B 171 -15.15 6.49 -8.38
CA GLN B 171 -16.09 7.54 -8.80
C GLN B 171 -15.52 8.88 -8.36
N TYR B 172 -15.52 9.84 -9.29
CA TYR B 172 -15.01 11.20 -9.02
C TYR B 172 -15.98 12.23 -9.59
N ASN B 173 -15.89 13.45 -9.04
CA ASN B 173 -16.81 14.57 -9.34
C ASN B 173 -16.25 15.37 -10.50
N ALA B 174 -16.87 15.30 -11.67
CA ALA B 174 -16.33 15.99 -12.87
C ALA B 174 -16.12 17.48 -12.57
N ASP B 175 -16.94 18.10 -11.73
CA ASP B 175 -16.87 19.54 -11.44
C ASP B 175 -15.66 19.91 -10.60
N ASP B 176 -14.89 18.92 -10.08
CA ASP B 176 -13.64 19.23 -9.33
C ASP B 176 -12.49 19.52 -10.30
N TYR B 177 -12.70 19.29 -11.58
CA TYR B 177 -11.59 19.29 -12.57
C TYR B 177 -11.95 20.15 -13.78
N GLY B 178 -10.95 20.38 -14.62
CA GLY B 178 -11.18 21.26 -15.76
C GLY B 178 -11.75 20.56 -16.97
N SER B 179 -11.78 21.30 -18.06
CA SER B 179 -12.60 20.93 -19.23
C SER B 179 -12.17 19.62 -19.90
N ALA B 180 -10.90 19.25 -19.90
CA ALA B 180 -10.48 18.01 -20.60
C ALA B 180 -11.24 16.80 -20.02
N LEU B 181 -11.48 16.80 -18.72
CA LEU B 181 -12.12 15.63 -18.07
C LEU B 181 -13.60 15.60 -18.49
N ALA B 182 -14.30 16.72 -18.36
CA ALA B 182 -15.73 16.78 -18.75
C ALA B 182 -15.89 16.40 -20.21
N GLN B 183 -14.99 16.84 -21.08
CA GLN B 183 -15.09 16.54 -22.52
C GLN B 183 -14.89 15.05 -22.76
N LYS B 184 -13.92 14.42 -22.10
CA LYS B 184 -13.65 12.97 -22.30
C LYS B 184 -14.88 12.17 -21.84
N HIS B 185 -15.63 12.69 -20.84
CA HIS B 185 -16.80 11.99 -20.23
C HIS B 185 -18.14 12.36 -20.93
N GLY B 186 -18.11 13.16 -21.99
CA GLY B 186 -19.33 13.52 -22.74
C GLY B 186 -20.30 14.34 -21.95
N VAL B 187 -19.86 15.10 -20.95
CA VAL B 187 -20.75 15.95 -20.15
C VAL B 187 -21.50 16.91 -21.07
N GLY B 188 -22.83 16.97 -20.89
CA GLY B 188 -23.65 17.90 -21.68
C GLY B 188 -24.05 17.38 -23.05
N LEU B 189 -23.69 16.16 -23.46
CA LEU B 189 -24.15 15.61 -24.76
C LEU B 189 -25.56 14.95 -24.67
N ASP B 190 -26.39 15.14 -25.68
CA ASP B 190 -27.67 14.40 -25.66
C ASP B 190 -27.36 12.91 -25.85
N PRO B 191 -28.31 12.01 -25.47
CA PRO B 191 -28.04 10.57 -25.53
C PRO B 191 -27.57 10.07 -26.89
N GLU B 192 -28.21 10.56 -27.96
CA GLU B 192 -27.92 10.09 -29.32
C GLU B 192 -26.48 10.48 -29.68
N THR B 193 -26.10 11.71 -29.38
CA THR B 193 -24.75 12.26 -29.68
C THR B 193 -23.69 11.54 -28.79
N PHE B 194 -24.04 11.30 -27.54
CA PHE B 194 -23.09 10.57 -26.64
C PHE B 194 -22.77 9.21 -27.24
N ALA B 195 -23.82 8.48 -27.64
CA ALA B 195 -23.67 7.10 -28.14
C ALA B 195 -22.85 7.15 -29.43
N ALA B 196 -23.13 8.11 -30.30
CA ALA B 196 -22.47 8.21 -31.62
C ALA B 196 -21.02 8.66 -31.48
N ARG B 197 -20.69 9.53 -30.52
CA ARG B 197 -19.30 10.03 -30.31
C ARG B 197 -18.56 9.18 -29.27
N ILE B 198 -18.92 9.32 -28.01
CA ILE B 198 -18.17 8.68 -26.88
C ILE B 198 -18.30 7.15 -26.98
N GLY B 199 -19.52 6.65 -27.09
CA GLY B 199 -19.77 5.21 -27.00
C GLY B 199 -19.11 4.48 -28.16
N ALA B 200 -19.35 4.97 -29.37
CA ALA B 200 -18.89 4.30 -30.60
C ALA B 200 -17.36 4.38 -30.71
N SER B 201 -16.72 5.49 -30.33
CA SER B 201 -15.25 5.57 -30.44
C SER B 201 -14.59 4.69 -29.37
N ASN B 202 -15.25 4.53 -28.20
CA ASN B 202 -14.74 3.65 -27.12
C ASN B 202 -13.26 3.95 -26.85
N SER B 203 -12.89 5.22 -26.71
CA SER B 203 -11.51 5.63 -26.37
C SER B 203 -11.14 5.00 -25.01
N PRO B 204 -9.88 4.63 -24.78
CA PRO B 204 -9.48 4.02 -23.50
C PRO B 204 -9.76 4.94 -22.31
N SER B 205 -10.61 4.49 -21.42
CA SER B 205 -10.95 5.20 -20.17
C SER B 205 -9.73 5.17 -19.24
N TYR B 206 -9.79 5.93 -18.17
CA TYR B 206 -8.59 6.04 -17.30
C TYR B 206 -8.19 4.67 -16.74
N VAL B 207 -9.17 3.78 -16.50
CA VAL B 207 -8.87 2.47 -15.87
C VAL B 207 -8.50 1.40 -16.92
N TRP B 208 -8.64 1.69 -18.22
CA TRP B 208 -7.92 0.87 -19.24
C TRP B 208 -6.42 0.96 -18.96
N ASN B 209 -5.87 2.18 -18.91
CA ASN B 209 -4.44 2.36 -18.65
C ASN B 209 -4.08 1.91 -17.22
N SER B 210 -4.89 2.27 -16.20
CA SER B 210 -4.47 1.91 -14.83
C SER B 210 -4.52 0.39 -14.61
N ASN B 211 -5.42 -0.34 -15.29
CA ASN B 211 -5.42 -1.80 -15.16
C ASN B 211 -4.18 -2.38 -15.84
N GLU B 212 -3.69 -1.76 -16.90
CA GLU B 212 -2.43 -2.23 -17.51
C GLU B 212 -1.29 -1.98 -16.52
N TRP B 213 -1.28 -0.84 -15.86
CA TRP B 213 -0.24 -0.53 -14.85
C TRP B 213 -0.29 -1.60 -13.74
N LEU B 214 -1.48 -1.95 -13.25
CA LEU B 214 -1.59 -2.98 -12.20
C LEU B 214 -0.94 -4.27 -12.68
N CYS B 215 -1.35 -4.72 -13.87
CA CYS B 215 -0.78 -5.98 -14.42
C CYS B 215 0.74 -5.86 -14.49
N ALA B 216 1.27 -4.76 -14.98
CA ALA B 216 2.74 -4.57 -15.08
C ALA B 216 3.38 -4.71 -13.70
N GLN B 217 2.83 -4.04 -12.70
CA GLN B 217 3.47 -4.09 -11.38
C GLN B 217 3.37 -5.48 -10.80
N LEU B 218 2.26 -6.20 -11.01
CA LEU B 218 2.05 -7.54 -10.43
C LEU B 218 2.86 -8.59 -11.20
N GLY B 219 3.39 -8.26 -12.38
CA GLY B 219 4.11 -9.23 -13.20
C GLY B 219 3.18 -10.10 -14.04
N TRP B 220 1.97 -9.63 -14.34
CA TRP B 220 0.99 -10.35 -15.18
C TRP B 220 1.03 -9.78 -16.60
N ARG B 221 0.74 -10.62 -17.57
CA ARG B 221 0.77 -10.27 -19.00
C ARG B 221 -0.68 -10.13 -19.47
N VAL B 222 -1.00 -9.00 -20.07
CA VAL B 222 -2.37 -8.72 -20.56
C VAL B 222 -2.62 -9.63 -21.77
N ARG B 223 -3.72 -10.34 -21.75
CA ARG B 223 -4.17 -11.13 -22.94
C ARG B 223 -5.30 -10.40 -23.67
N ASP B 224 -6.20 -9.71 -22.99
CA ASP B 224 -7.22 -8.88 -23.67
C ASP B 224 -7.75 -7.83 -22.72
N ILE B 225 -8.30 -6.77 -23.28
CA ILE B 225 -9.00 -5.72 -22.50
C ILE B 225 -10.29 -5.43 -23.24
N ARG B 226 -11.41 -5.42 -22.53
CA ARG B 226 -12.71 -5.08 -23.11
C ARG B 226 -13.31 -3.93 -22.33
N GLN B 227 -13.91 -2.97 -23.00
CA GLN B 227 -14.48 -1.77 -22.35
C GLN B 227 -15.85 -1.48 -22.88
N GLN B 228 -16.74 -1.06 -21.98
CA GLN B 228 -18.04 -0.46 -22.33
C GLN B 228 -18.11 0.94 -21.74
N LEU B 229 -18.51 1.94 -22.52
CA LEU B 229 -18.72 3.34 -22.04
C LEU B 229 -20.21 3.63 -22.17
N LEU B 230 -20.82 4.08 -21.11
CA LEU B 230 -22.22 4.50 -21.06
C LEU B 230 -22.30 5.88 -20.42
N PRO B 231 -23.31 6.68 -20.81
CA PRO B 231 -23.53 7.95 -20.15
C PRO B 231 -24.14 7.74 -18.77
N THR B 232 -23.78 8.61 -17.87
CA THR B 232 -24.50 8.85 -16.62
C THR B 232 -25.59 9.87 -16.90
N THR B 233 -26.68 9.81 -16.12
CA THR B 233 -27.74 10.82 -16.15
C THR B 233 -28.21 11.13 -14.75
N HIS B 234 -28.96 12.22 -14.63
CA HIS B 234 -29.65 12.64 -13.41
C HIS B 234 -31.11 12.95 -13.78
N THR B 235 -32.01 12.85 -12.80
CA THR B 235 -33.45 13.14 -13.02
C THR B 235 -33.75 14.60 -12.63
N GLY B 236 -32.77 15.48 -12.78
CA GLY B 236 -32.89 16.93 -12.63
C GLY B 236 -31.75 17.61 -13.38
N THR B 237 -31.83 18.94 -13.53
CA THR B 237 -30.76 19.72 -14.18
C THR B 237 -29.59 19.74 -13.20
N LEU B 238 -28.36 19.60 -13.72
CA LEU B 238 -27.14 19.85 -12.93
C LEU B 238 -26.27 20.84 -13.69
N ARG B 239 -25.47 21.60 -12.96
CA ARG B 239 -24.58 22.65 -13.54
C ARG B 239 -23.14 22.11 -13.63
N SER B 240 -22.51 22.28 -14.79
CA SER B 240 -21.06 22.08 -15.02
C SER B 240 -20.31 23.40 -14.92
N ALA B 241 -19.39 23.57 -13.98
CA ALA B 241 -18.49 24.74 -13.92
C ALA B 241 -17.50 24.67 -15.10
N SER B 242 -16.85 23.52 -15.33
CA SER B 242 -15.78 23.48 -16.34
C SER B 242 -16.37 23.70 -17.74
N LEU B 243 -17.62 23.30 -18.02
CA LEU B 243 -18.22 23.50 -19.37
C LEU B 243 -19.25 24.64 -19.33
N GLY B 244 -19.29 25.40 -18.25
CA GLY B 244 -20.07 26.65 -18.12
C GLY B 244 -21.51 26.47 -18.56
N ARG B 245 -22.22 25.45 -18.07
CA ARG B 245 -23.58 25.22 -18.61
C ARG B 245 -24.42 24.38 -17.69
N GLU B 246 -25.75 24.50 -17.83
CA GLU B 246 -26.72 23.58 -17.24
C GLU B 246 -26.87 22.37 -18.15
N VAL B 247 -26.91 21.17 -17.55
CA VAL B 247 -27.15 19.90 -18.27
C VAL B 247 -28.54 19.43 -17.93
N PRO B 248 -29.48 19.48 -18.90
CA PRO B 248 -30.86 19.03 -18.64
C PRO B 248 -30.97 17.52 -18.33
N ALA B 249 -31.99 17.16 -17.55
CA ALA B 249 -32.38 15.76 -17.25
C ALA B 249 -32.38 14.91 -18.51
N GLY B 250 -31.62 13.81 -18.49
CA GLY B 250 -31.51 12.83 -19.57
C GLY B 250 -30.37 13.08 -20.52
N HIS B 251 -29.79 14.28 -20.52
CA HIS B 251 -28.49 14.54 -21.19
C HIS B 251 -27.38 13.91 -20.31
N ALA B 252 -26.28 13.57 -20.94
CA ALA B 252 -25.18 12.89 -20.21
C ALA B 252 -24.61 13.85 -19.17
N THR B 253 -24.53 13.40 -17.92
CA THR B 253 -23.87 14.18 -16.84
C THR B 253 -22.40 13.71 -16.69
N GLY B 254 -21.95 12.81 -17.54
CA GLY B 254 -20.65 12.13 -17.41
C GLY B 254 -20.72 10.75 -18.00
N MET B 255 -19.82 9.87 -17.60
CA MET B 255 -19.61 8.58 -18.25
C MET B 255 -19.26 7.56 -17.18
N LYS B 256 -19.79 6.36 -17.32
CA LYS B 256 -19.41 5.16 -16.56
C LYS B 256 -18.68 4.24 -17.54
N ALA B 257 -17.45 3.88 -17.23
CA ALA B 257 -16.67 2.89 -17.99
C ALA B 257 -16.61 1.61 -17.19
N VAL B 258 -16.75 0.47 -17.87
CA VAL B 258 -16.41 -0.83 -17.27
C VAL B 258 -15.31 -1.42 -18.12
N VAL B 259 -14.16 -1.72 -17.52
CA VAL B 259 -13.00 -2.34 -18.18
C VAL B 259 -12.76 -3.71 -17.57
N VAL B 260 -12.67 -4.72 -18.40
CA VAL B 260 -12.32 -6.09 -17.98
C VAL B 260 -10.99 -6.44 -18.62
N THR B 261 -9.97 -6.61 -17.79
CA THR B 261 -8.59 -6.86 -18.19
C THR B 261 -8.28 -8.33 -17.87
N GLU B 262 -8.05 -9.14 -18.91
CA GLU B 262 -7.79 -10.59 -18.80
C GLU B 262 -6.29 -10.79 -18.97
N THR B 263 -5.71 -11.63 -18.15
CA THR B 263 -4.28 -11.97 -18.15
C THR B 263 -4.04 -13.39 -18.68
N HIS B 264 -2.85 -13.60 -19.19
CA HIS B 264 -2.34 -14.95 -19.54
C HIS B 264 -2.28 -15.82 -18.29
N GLU B 265 -1.93 -15.23 -17.14
CA GLU B 265 -1.72 -15.94 -15.85
C GLU B 265 -3.04 -16.47 -15.31
N GLY B 266 -4.18 -15.84 -15.61
CA GLY B 266 -5.50 -16.31 -15.15
C GLY B 266 -6.33 -15.20 -14.49
N PRO B 267 -5.76 -14.45 -13.53
CA PRO B 267 -6.53 -13.40 -12.87
C PRO B 267 -7.12 -12.38 -13.84
N VAL B 268 -8.28 -11.86 -13.48
CA VAL B 268 -9.01 -10.81 -14.24
C VAL B 268 -9.11 -9.59 -13.34
N ILE B 269 -8.92 -8.41 -13.92
CA ILE B 269 -9.20 -7.12 -13.23
C ILE B 269 -10.42 -6.51 -13.90
N GLU B 270 -11.47 -6.32 -13.12
CA GLU B 270 -12.74 -5.73 -13.56
C GLU B 270 -12.87 -4.40 -12.85
N THR B 271 -12.84 -3.30 -13.58
CA THR B 271 -12.78 -1.96 -12.94
C THR B 271 -13.90 -1.08 -13.49
N HIS B 272 -14.66 -0.48 -12.59
CA HIS B 272 -15.79 0.44 -12.86
C HIS B 272 -15.32 1.86 -12.56
N CYS B 273 -15.41 2.75 -13.54
CA CYS B 273 -14.81 4.09 -13.47
C CYS B 273 -15.86 5.14 -13.84
N VAL B 274 -16.30 5.94 -12.88
CA VAL B 274 -17.42 6.87 -13.06
C VAL B 274 -16.89 8.28 -12.87
N GLY B 275 -17.04 9.11 -13.88
CA GLY B 275 -16.78 10.56 -13.72
C GLY B 275 -18.00 11.37 -14.17
N LYS B 276 -18.55 12.18 -13.28
CA LYS B 276 -19.84 12.80 -13.59
C LYS B 276 -20.08 13.99 -12.68
N LEU B 277 -21.07 14.82 -13.07
CA LEU B 277 -21.64 15.83 -12.17
C LEU B 277 -22.41 15.08 -11.07
N TYR B 278 -22.43 15.65 -9.90
CA TYR B 278 -23.05 15.06 -8.68
C TYR B 278 -24.33 15.79 -8.34
N ALA B 279 -25.33 14.98 -8.06
CA ALA B 279 -26.57 15.40 -7.38
C ALA B 279 -26.27 15.64 -5.90
N PRO B 280 -27.16 16.34 -5.19
CA PRO B 280 -26.96 16.58 -3.77
C PRO B 280 -26.79 15.24 -3.03
N GLY B 281 -25.78 15.18 -2.17
CA GLY B 281 -25.53 14.03 -1.31
C GLY B 281 -24.55 13.02 -1.94
N GLU B 282 -24.27 13.13 -3.22
CA GLU B 282 -23.31 12.18 -3.82
C GLU B 282 -21.88 12.55 -3.40
N VAL B 283 -21.04 11.51 -3.37
CA VAL B 283 -19.64 11.62 -2.90
C VAL B 283 -18.73 10.79 -3.79
N ASP B 284 -17.43 11.10 -3.72
CA ASP B 284 -16.44 10.23 -4.38
C ASP B 284 -16.45 8.85 -3.72
N LEU B 285 -16.16 7.83 -4.49
CA LEU B 285 -16.18 6.41 -4.06
C LEU B 285 -14.87 5.76 -4.51
N ASN B 286 -14.30 4.94 -3.63
CA ASN B 286 -13.14 4.09 -3.98
C ASN B 286 -13.30 2.79 -3.20
N GLU B 287 -13.46 1.69 -3.90
CA GLU B 287 -13.70 0.37 -3.26
C GLU B 287 -13.14 -0.72 -4.14
N TRP B 288 -12.34 -1.59 -3.58
CA TRP B 288 -11.67 -2.71 -4.28
C TRP B 288 -11.86 -3.99 -3.49
N THR B 289 -12.18 -5.06 -4.22
CA THR B 289 -12.20 -6.43 -3.66
C THR B 289 -11.19 -7.30 -4.40
N LEU B 290 -10.34 -7.95 -3.64
CA LEU B 290 -9.50 -9.07 -4.18
C LEU B 290 -10.27 -10.32 -3.82
N ARG B 291 -10.74 -11.04 -4.83
CA ARG B 291 -11.51 -12.28 -4.71
C ARG B 291 -10.56 -13.47 -4.89
N GLY B 292 -10.57 -14.37 -3.94
CA GLY B 292 -9.72 -15.56 -3.97
C GLY B 292 -9.51 -16.06 -2.55
N GLU B 293 -8.29 -16.28 -2.15
CA GLU B 293 -8.00 -16.75 -0.78
C GLU B 293 -7.08 -15.76 -0.09
N PRO B 294 -7.53 -15.03 0.93
CA PRO B 294 -8.93 -14.85 1.26
C PRO B 294 -9.54 -13.74 0.34
N ASP B 295 -10.82 -13.47 0.52
CA ASP B 295 -11.48 -12.30 -0.09
C ASP B 295 -11.18 -11.10 0.81
N THR B 296 -10.69 -10.02 0.23
CA THR B 296 -10.45 -8.77 0.97
C THR B 296 -11.14 -7.60 0.25
N THR B 297 -11.92 -6.81 0.98
CA THR B 297 -12.51 -5.56 0.49
C THR B 297 -11.96 -4.36 1.23
N VAL B 298 -11.45 -3.41 0.47
CA VAL B 298 -10.94 -2.11 0.99
C VAL B 298 -11.87 -1.01 0.50
N THR B 299 -12.20 -0.06 1.39
CA THR B 299 -12.98 1.12 1.05
C THR B 299 -12.25 2.36 1.54
N ILE B 300 -12.17 3.38 0.69
CA ILE B 300 -11.73 4.73 1.12
C ILE B 300 -12.98 5.56 1.33
N ARG B 301 -13.14 6.14 2.50
CA ARG B 301 -14.37 6.90 2.81
C ARG B 301 -14.28 8.34 2.25
N GLN B 302 -15.00 8.64 1.16
CA GLN B 302 -15.07 10.01 0.56
C GLN B 302 -13.63 10.48 0.30
N PRO B 303 -12.90 9.79 -0.58
CA PRO B 303 -11.54 10.22 -0.88
C PRO B 303 -11.50 11.69 -1.33
N ALA B 304 -10.48 12.40 -0.85
CA ALA B 304 -10.21 13.81 -1.25
C ALA B 304 -9.44 13.79 -2.57
N THR B 305 -10.12 13.33 -3.63
CA THR B 305 -9.43 12.95 -4.90
C THR B 305 -8.52 14.06 -5.41
N PRO B 306 -8.92 15.34 -5.51
CA PRO B 306 -8.00 16.38 -6.02
C PRO B 306 -6.72 16.50 -5.17
N ALA B 307 -6.86 16.56 -3.84
CA ALA B 307 -5.72 16.68 -2.93
C ALA B 307 -4.79 15.48 -3.03
N LEU B 308 -5.37 14.27 -3.13
CA LEU B 308 -4.57 13.04 -3.20
C LEU B 308 -3.82 13.01 -4.54
N THR B 309 -4.46 13.43 -5.62
CA THR B 309 -3.79 13.52 -6.93
C THR B 309 -2.51 14.35 -6.81
N CYS B 310 -2.66 15.57 -6.25
CA CYS B 310 -1.53 16.52 -6.29
C CYS B 310 -0.44 16.08 -5.31
N ALA B 311 -0.81 15.57 -4.15
CA ALA B 311 0.17 15.14 -3.12
C ALA B 311 0.99 13.97 -3.63
N THR B 312 0.39 13.06 -4.37
CA THR B 312 1.10 11.91 -4.92
C THR B 312 2.18 12.39 -5.90
N VAL B 313 1.81 13.33 -6.77
CA VAL B 313 2.81 13.86 -7.74
C VAL B 313 4.01 14.39 -6.97
N LEU B 314 3.83 15.21 -5.97
CA LEU B 314 4.96 15.82 -5.26
C LEU B 314 5.81 14.74 -4.56
N ASN B 315 5.17 13.77 -3.92
CA ASN B 315 5.94 12.72 -3.21
C ASN B 315 6.74 11.88 -4.20
N ARG B 316 6.33 11.86 -5.47
CA ARG B 316 7.02 11.11 -6.52
C ARG B 316 8.31 11.81 -6.98
N LEU B 317 8.49 13.10 -6.71
CA LEU B 317 9.57 13.84 -7.41
C LEU B 317 10.97 13.29 -7.10
N PRO B 318 11.34 12.96 -5.84
CA PRO B 318 12.68 12.39 -5.58
C PRO B 318 12.94 11.14 -6.40
N GLN B 319 11.93 10.30 -6.53
CA GLN B 319 12.05 9.06 -7.32
C GLN B 319 12.19 9.40 -8.79
N LEU B 320 11.45 10.39 -9.29
CA LEU B 320 11.56 10.81 -10.69
C LEU B 320 13.01 11.25 -10.96
N LEU B 321 13.57 12.04 -10.07
CA LEU B 321 14.96 12.55 -10.30
C LEU B 321 15.93 11.36 -10.33
N ALA B 322 15.76 10.40 -9.44
CA ALA B 322 16.69 9.25 -9.28
C ALA B 322 16.47 8.24 -10.41
N ALA B 323 15.31 8.23 -11.07
CA ALA B 323 14.97 7.19 -12.04
C ALA B 323 15.93 7.25 -13.22
N PRO B 324 16.14 6.12 -13.90
CA PRO B 324 16.89 6.15 -15.14
C PRO B 324 16.20 6.99 -16.21
N PRO B 325 16.95 7.51 -17.20
CA PRO B 325 16.37 8.26 -18.30
C PRO B 325 15.40 7.42 -19.14
N GLY B 326 14.42 8.09 -19.76
CA GLY B 326 13.45 7.40 -20.61
C GLY B 326 12.03 7.72 -20.17
N PHE B 327 11.08 7.09 -20.78
CA PHE B 327 9.67 7.10 -20.32
C PHE B 327 9.58 5.94 -19.36
N VAL B 328 9.50 6.21 -18.07
CA VAL B 328 9.52 5.17 -17.02
C VAL B 328 8.22 5.29 -16.23
N THR B 329 7.28 4.41 -16.48
CA THR B 329 5.98 4.40 -15.74
C THR B 329 6.22 4.03 -14.28
N THR B 330 5.36 4.49 -13.38
CA THR B 330 5.66 4.36 -11.94
C THR B 330 5.48 2.94 -11.42
N ASP B 331 4.94 2.01 -12.22
CA ASP B 331 4.92 0.58 -11.85
C ASP B 331 6.37 0.11 -11.68
N ARG B 332 7.35 0.75 -12.34
CA ARG B 332 8.77 0.36 -12.21
C ARG B 332 9.43 0.99 -10.99
N PHE B 333 8.76 1.91 -10.28
CA PHE B 333 9.29 2.50 -9.03
C PHE B 333 8.78 1.66 -7.85
N THR B 334 9.46 1.75 -6.69
CA THR B 334 8.88 1.34 -5.39
C THR B 334 7.73 2.32 -5.11
N PRO B 335 6.77 2.02 -4.24
CA PRO B 335 5.66 2.94 -4.00
C PRO B 335 6.12 4.34 -3.58
N ALA B 336 5.30 5.35 -3.88
CA ALA B 336 5.54 6.72 -3.41
C ALA B 336 5.63 6.66 -1.89
N THR B 337 6.57 7.39 -1.31
CA THR B 337 6.64 7.52 0.16
C THR B 337 6.38 8.97 0.51
N TYR B 338 5.87 9.20 1.71
CA TYR B 338 5.67 10.56 2.21
C TYR B 338 7.02 11.27 2.31
N VAL B 339 7.13 12.41 1.63
CA VAL B 339 8.35 13.26 1.53
C VAL B 339 8.03 14.54 2.31
N SER B 340 8.89 14.95 3.23
CA SER B 340 8.69 16.21 3.99
C SER B 340 9.36 17.39 3.29
N ARG B 341 10.45 17.13 2.58
CA ARG B 341 11.27 18.19 1.97
C ARG B 341 11.59 17.81 0.53
N LEU B 342 11.19 18.66 -0.41
CA LEU B 342 11.52 18.46 -1.84
C LEU B 342 12.86 19.12 -2.14
N GLU B 343 13.96 18.37 -1.98
CA GLU B 343 15.33 18.90 -2.16
C GLU B 343 16.11 17.91 -2.99
N THR B 344 17.21 18.37 -3.52
CA THR B 344 18.06 17.51 -4.37
C THR B 344 19.52 17.98 -4.18
N GLU B 345 20.45 17.27 -4.82
CA GLU B 345 21.91 17.51 -4.72
C GLU B 345 22.25 18.89 -5.29
N ALA B 346 23.01 19.69 -4.52
CA ALA B 346 23.74 20.95 -4.87
C ALA B 346 23.78 21.19 -6.38
#